data_6TQG
#
_entry.id   6TQG
#
_cell.length_a   73.011
_cell.length_b   137.920
_cell.length_c   73.930
_cell.angle_alpha   90.000
_cell.angle_beta   102.980
_cell.angle_gamma   90.000
#
_symmetry.space_group_name_H-M   'P 1 21 1'
#
loop_
_entity.id
_entity.type
_entity.pdbx_description
1 polymer 'Glucose-1-phosphate thymidylyltransferase'
2 non-polymer ~{N}-[1-[(4-bromophenyl)methyl]-6-[3-(methylamino)propylamino]-2,4-bis(oxidanylidene)pyrimidin-5-yl]-~{N}-methyl-benzenesulfonamide
3 non-polymer '2-(N-MORPHOLINO)-ETHANESULFONIC ACID'
4 non-polymer 'CHLORIDE ION'
5 water water
#
_entity_poly.entity_id   1
_entity_poly.type   'polypeptide(L)'
_entity_poly.pdbx_seq_one_letter_code
;HHHHHHGSMAMKRKGIILAGGSGTRLHPATLAISKQLLPVYDKPMIYYPLSTLMLAGIREILIISTPQDTPRFQQLLGDG
SNWGLDLQYAVQPSPDGLAQAFLIGESFIGNDLSALVLGDNLYYGHDFHELLGSASQRQTGASVFAYHVLDPERYGVVEF
DQGGKAISLEEKPLEPKSNYAVTGLYFYDQQVVDIARDLKPSPRGELEITDVNRAYLERGQLSVEIMGRGYAWLDTGTHD
SLLEAGQFIATLENRQGLKVACPEEIAYRQKWIDAAQLEKLAAPLAKNGYGQYLKRLLTETVY
;
_entity_poly.pdbx_strand_id   A,B,C,D
#
# COMPACT_ATOMS: atom_id res chain seq x y z
N LYS A 12 -23.39 31.40 15.24
CA LYS A 12 -23.60 29.93 15.40
C LYS A 12 -23.83 29.31 14.02
N ARG A 13 -22.97 28.34 13.66
CA ARG A 13 -23.23 27.39 12.55
C ARG A 13 -23.26 25.97 13.15
N LYS A 14 -24.33 25.22 12.85
CA LYS A 14 -24.53 23.84 13.35
C LYS A 14 -24.11 22.85 12.26
N GLY A 15 -23.55 21.71 12.66
CA GLY A 15 -23.01 20.69 11.75
C GLY A 15 -23.90 19.46 11.72
N ILE A 16 -23.98 18.81 10.56
CA ILE A 16 -24.62 17.47 10.36
C ILE A 16 -23.60 16.56 9.68
N ILE A 17 -23.32 15.40 10.28
CA ILE A 17 -22.61 14.27 9.62
C ILE A 17 -23.66 13.22 9.22
N LEU A 18 -23.81 12.97 7.92
CA LEU A 18 -24.69 11.89 7.39
C LEU A 18 -23.82 10.66 7.12
N ALA A 19 -24.00 9.61 7.93
CA ALA A 19 -23.36 8.30 7.78
C ALA A 19 -24.43 7.27 7.43
N GLY A 20 -24.69 7.13 6.12
CA GLY A 20 -25.69 6.20 5.54
C GLY A 20 -25.19 4.77 5.57
N GLY A 21 -25.83 3.88 4.81
CA GLY A 21 -25.50 2.44 4.71
C GLY A 21 -25.22 1.98 3.29
N HIS A 27 -19.93 -5.36 2.32
CA HIS A 27 -20.86 -6.53 2.37
C HIS A 27 -20.27 -7.70 1.57
N PRO A 28 -19.70 -8.74 2.20
CA PRO A 28 -19.82 -8.98 3.65
C PRO A 28 -18.76 -8.36 4.57
N ALA A 29 -17.82 -7.56 4.04
CA ALA A 29 -16.74 -6.90 4.82
C ALA A 29 -17.35 -6.05 5.94
N THR A 30 -18.50 -5.40 5.67
CA THR A 30 -19.15 -4.40 6.58
C THR A 30 -20.40 -5.00 7.25
N LEU A 31 -20.48 -6.33 7.37
CA LEU A 31 -21.66 -7.02 7.95
C LEU A 31 -21.65 -6.90 9.48
N ALA A 32 -20.47 -6.77 10.10
CA ALA A 32 -20.28 -6.69 11.56
C ALA A 32 -20.13 -5.25 12.04
N ILE A 33 -19.85 -4.31 11.12
CA ILE A 33 -19.53 -2.89 11.44
C ILE A 33 -19.81 -2.03 10.19
N SER A 34 -20.72 -1.06 10.32
CA SER A 34 -21.01 -0.05 9.26
C SER A 34 -19.72 0.67 8.85
N LYS A 35 -19.76 1.31 7.68
CA LYS A 35 -18.58 1.77 6.91
C LYS A 35 -17.85 2.89 7.65
N GLN A 36 -18.58 3.84 8.23
CA GLN A 36 -17.99 5.06 8.87
C GLN A 36 -17.47 4.72 10.27
N LEU A 37 -17.69 3.49 10.75
CA LEU A 37 -17.09 2.96 12.01
C LEU A 37 -15.80 2.19 11.72
N LEU A 38 -15.56 1.82 10.46
CA LEU A 38 -14.30 1.15 10.03
C LEU A 38 -13.16 2.12 10.22
N PRO A 39 -11.96 1.65 10.62
CA PRO A 39 -10.81 2.53 10.75
C PRO A 39 -10.17 2.85 9.39
N VAL A 40 -9.75 4.11 9.22
CA VAL A 40 -8.77 4.52 8.18
C VAL A 40 -7.42 4.56 8.89
N TYR A 41 -6.63 3.49 8.72
CA TYR A 41 -5.33 3.26 9.39
C TYR A 41 -5.51 3.15 10.91
N ASP A 42 -5.58 4.28 11.63
CA ASP A 42 -5.34 4.30 13.11
C ASP A 42 -6.53 4.87 13.88
N LYS A 43 -7.64 5.22 13.23
CA LYS A 43 -8.82 5.82 13.92
C LYS A 43 -10.07 5.55 13.10
N PRO A 44 -11.27 5.58 13.73
CA PRO A 44 -12.52 5.36 13.03
C PRO A 44 -12.75 6.42 11.94
N MET A 45 -13.32 6.00 10.80
CA MET A 45 -13.53 6.86 9.61
C MET A 45 -14.30 8.14 10.00
N ILE A 46 -15.25 8.05 10.94
CA ILE A 46 -16.12 9.18 11.38
C ILE A 46 -15.24 10.31 11.94
N TYR A 47 -14.05 10.01 12.47
CA TYR A 47 -13.12 10.99 13.08
C TYR A 47 -12.66 12.04 12.05
N TYR A 48 -12.63 11.70 10.76
CA TYR A 48 -12.21 12.60 9.65
C TYR A 48 -13.29 13.66 9.40
N PRO A 49 -14.55 13.32 9.05
CA PRO A 49 -15.59 14.33 8.89
C PRO A 49 -15.89 15.09 10.19
N LEU A 50 -15.80 14.40 11.33
CA LEU A 50 -15.98 15.04 12.66
C LEU A 50 -14.91 16.14 12.82
N SER A 51 -13.64 15.80 12.58
CA SER A 51 -12.46 16.71 12.69
C SER A 51 -12.61 17.88 11.73
N THR A 52 -13.18 17.65 10.55
CA THR A 52 -13.41 18.66 9.48
C THR A 52 -14.38 19.73 10.01
N LEU A 53 -15.55 19.32 10.52
CA LEU A 53 -16.54 20.24 11.14
C LEU A 53 -15.88 20.99 12.30
N MET A 54 -15.09 20.29 13.11
CA MET A 54 -14.41 20.89 14.29
C MET A 54 -13.40 21.95 13.81
N LEU A 55 -12.62 21.65 12.76
CA LEU A 55 -11.61 22.59 12.19
C LEU A 55 -12.31 23.86 11.69
N ALA A 56 -13.55 23.75 11.21
CA ALA A 56 -14.38 24.87 10.71
C ALA A 56 -15.01 25.65 11.88
N GLY A 57 -14.76 25.22 13.12
CA GLY A 57 -15.20 25.92 14.34
C GLY A 57 -16.59 25.48 14.81
N ILE A 58 -17.14 24.41 14.23
CA ILE A 58 -18.51 23.89 14.56
C ILE A 58 -18.38 22.94 15.76
N ARG A 59 -19.17 23.19 16.81
CA ARG A 59 -19.14 22.43 18.10
C ARG A 59 -20.45 21.67 18.31
N GLU A 60 -21.57 22.16 17.77
CA GLU A 60 -22.91 21.51 17.88
C GLU A 60 -23.16 20.71 16.59
N ILE A 61 -23.15 19.37 16.69
CA ILE A 61 -23.11 18.45 15.52
C ILE A 61 -24.17 17.35 15.72
N LEU A 62 -25.01 17.16 14.70
CA LEU A 62 -26.02 16.06 14.64
C LEU A 62 -25.46 14.94 13.76
N ILE A 63 -25.36 13.73 14.31
CA ILE A 63 -24.92 12.53 13.56
C ILE A 63 -26.17 11.72 13.19
N ILE A 64 -26.51 11.73 11.91
CA ILE A 64 -27.65 10.98 11.30
C ILE A 64 -27.07 9.69 10.73
N SER A 65 -27.65 8.55 11.11
CA SER A 65 -27.31 7.21 10.55
C SER A 65 -28.55 6.30 10.60
N THR A 66 -28.37 5.02 10.26
CA THR A 66 -29.40 3.96 10.22
C THR A 66 -29.84 3.65 11.65
N PRO A 67 -31.04 3.06 11.86
CA PRO A 67 -31.48 2.66 13.21
C PRO A 67 -30.46 1.77 13.92
N GLN A 68 -29.72 0.97 13.15
CA GLN A 68 -28.78 -0.08 13.64
C GLN A 68 -27.46 0.59 14.06
N ASP A 69 -27.00 1.60 13.32
CA ASP A 69 -25.65 2.19 13.46
C ASP A 69 -25.67 3.38 14.45
N THR A 70 -26.81 4.07 14.60
CA THR A 70 -26.94 5.25 15.49
C THR A 70 -26.47 4.91 16.90
N PRO A 71 -26.94 3.80 17.53
CA PRO A 71 -26.48 3.41 18.85
C PRO A 71 -24.96 3.22 18.97
N ARG A 72 -24.31 2.72 17.91
CA ARG A 72 -22.86 2.41 17.89
C ARG A 72 -22.04 3.70 17.88
N PHE A 73 -22.51 4.74 17.17
CA PHE A 73 -21.90 6.09 17.17
C PHE A 73 -22.06 6.70 18.56
N GLN A 74 -23.26 6.62 19.15
CA GLN A 74 -23.56 7.05 20.54
C GLN A 74 -22.55 6.41 21.50
N GLN A 75 -22.31 5.10 21.36
CA GLN A 75 -21.38 4.33 22.21
C GLN A 75 -19.94 4.81 22.00
N LEU A 76 -19.56 5.12 20.75
CA LEU A 76 -18.19 5.57 20.39
C LEU A 76 -17.96 7.00 20.90
N LEU A 77 -18.88 7.93 20.60
CA LEU A 77 -18.62 9.39 20.64
C LEU A 77 -19.27 10.06 21.86
N GLY A 78 -20.32 9.47 22.44
CA GLY A 78 -21.06 10.02 23.58
C GLY A 78 -21.75 11.34 23.22
N ASP A 79 -21.93 12.24 24.20
CA ASP A 79 -22.54 13.57 23.97
C ASP A 79 -21.47 14.54 23.48
N GLY A 80 -20.19 14.14 23.55
CA GLY A 80 -19.05 14.88 22.95
C GLY A 80 -18.44 15.90 23.90
N SER A 81 -18.98 16.02 25.12
CA SER A 81 -18.56 17.01 26.15
C SER A 81 -17.11 16.74 26.59
N ASN A 82 -16.62 15.51 26.44
CA ASN A 82 -15.19 15.14 26.64
C ASN A 82 -14.29 15.94 25.69
N TRP A 83 -14.81 16.33 24.51
CA TRP A 83 -14.05 17.04 23.45
C TRP A 83 -14.57 18.48 23.29
N GLY A 84 -15.32 18.97 24.28
CA GLY A 84 -15.91 20.32 24.27
C GLY A 84 -16.95 20.49 23.17
N LEU A 85 -17.58 19.39 22.74
CA LEU A 85 -18.62 19.39 21.68
C LEU A 85 -19.99 19.11 22.32
N ASP A 86 -21.05 19.41 21.58
CA ASP A 86 -22.44 18.99 21.87
C ASP A 86 -22.92 18.12 20.71
N LEU A 87 -22.81 16.79 20.86
CA LEU A 87 -23.21 15.80 19.83
C LEU A 87 -24.64 15.32 20.11
N GLN A 88 -25.52 15.44 19.12
CA GLN A 88 -26.87 14.82 19.14
C GLN A 88 -26.93 13.74 18.05
N TYR A 89 -27.94 12.88 18.11
CA TYR A 89 -28.11 11.70 17.20
C TYR A 89 -29.55 11.66 16.69
N ALA A 90 -29.69 11.33 15.41
CA ALA A 90 -30.99 11.11 14.73
C ALA A 90 -30.84 9.93 13.77
N VAL A 91 -31.95 9.26 13.46
CA VAL A 91 -32.00 8.07 12.56
C VAL A 91 -32.61 8.48 11.21
N GLN A 92 -32.14 7.89 10.13
CA GLN A 92 -32.72 7.97 8.76
C GLN A 92 -33.43 6.64 8.52
N PRO A 93 -34.79 6.59 8.58
CA PRO A 93 -35.51 5.32 8.44
C PRO A 93 -35.04 4.45 7.25
N SER A 94 -34.79 5.05 6.08
CA SER A 94 -34.29 4.38 4.85
C SER A 94 -33.48 5.37 3.99
N PRO A 95 -32.52 4.89 3.15
CA PRO A 95 -31.64 5.79 2.39
C PRO A 95 -32.32 6.44 1.18
N ASP A 96 -33.24 7.38 1.44
CA ASP A 96 -34.11 8.04 0.41
C ASP A 96 -33.47 9.36 -0.07
N GLY A 97 -32.17 9.57 0.17
CA GLY A 97 -31.41 10.69 -0.39
C GLY A 97 -30.64 11.48 0.66
N LEU A 98 -29.66 12.28 0.22
CA LEU A 98 -28.72 13.05 1.08
C LEU A 98 -29.41 14.33 1.60
N ALA A 99 -30.29 14.94 0.79
CA ALA A 99 -31.08 16.14 1.13
C ALA A 99 -32.00 15.86 2.33
N GLN A 100 -32.40 14.59 2.54
CA GLN A 100 -33.30 14.14 3.65
C GLN A 100 -32.70 14.56 5.02
N ALA A 101 -31.40 14.83 5.09
CA ALA A 101 -30.67 15.25 6.31
C ALA A 101 -31.25 16.57 6.88
N PHE A 102 -31.73 17.47 6.03
CA PHE A 102 -32.26 18.80 6.42
C PHE A 102 -33.68 18.64 6.98
N LEU A 103 -34.43 17.64 6.52
CA LEU A 103 -35.78 17.30 7.03
C LEU A 103 -35.64 16.68 8.42
N ILE A 104 -34.75 15.72 8.57
CA ILE A 104 -34.49 14.95 9.83
C ILE A 104 -33.92 15.90 10.90
N GLY A 105 -33.02 16.80 10.50
CA GLY A 105 -32.32 17.72 11.40
C GLY A 105 -32.91 19.12 11.38
N GLU A 106 -34.15 19.26 10.90
CA GLU A 106 -34.84 20.57 10.74
C GLU A 106 -34.90 21.32 12.08
N SER A 107 -35.30 20.63 13.15
CA SER A 107 -35.47 21.23 14.51
C SER A 107 -34.10 21.49 15.12
N PHE A 108 -33.14 20.61 14.87
CA PHE A 108 -31.72 20.76 15.31
C PHE A 108 -31.14 22.04 14.69
N ILE A 109 -31.39 22.28 13.40
CA ILE A 109 -30.88 23.46 12.63
C ILE A 109 -31.57 24.72 13.15
N GLY A 110 -32.89 24.67 13.37
CA GLY A 110 -33.71 25.82 13.76
C GLY A 110 -33.51 26.97 12.77
N ASN A 111 -33.13 28.15 13.28
CA ASN A 111 -32.95 29.39 12.48
C ASN A 111 -31.45 29.67 12.25
N ASP A 112 -30.58 28.72 12.55
CA ASP A 112 -29.09 28.89 12.48
C ASP A 112 -28.57 28.53 11.07
N LEU A 113 -27.38 29.04 10.74
CA LEU A 113 -26.59 28.58 9.57
C LEU A 113 -26.23 27.11 9.82
N SER A 114 -26.06 26.32 8.75
CA SER A 114 -25.76 24.87 8.87
C SER A 114 -24.60 24.48 7.94
N ALA A 115 -24.02 23.31 8.20
CA ALA A 115 -22.98 22.64 7.38
C ALA A 115 -23.27 21.13 7.34
N LEU A 116 -23.14 20.52 6.16
CA LEU A 116 -23.35 19.07 5.95
C LEU A 116 -22.04 18.44 5.45
N VAL A 117 -21.60 17.36 6.10
CA VAL A 117 -20.45 16.52 5.63
C VAL A 117 -20.96 15.08 5.46
N LEU A 118 -20.40 14.35 4.49
CA LEU A 118 -20.70 12.92 4.24
C LEU A 118 -19.65 12.06 4.97
N GLY A 119 -20.10 10.91 5.51
CA GLY A 119 -19.36 10.10 6.50
C GLY A 119 -18.15 9.35 5.94
N ASP A 120 -17.99 9.32 4.61
CA ASP A 120 -16.99 8.46 3.91
C ASP A 120 -16.00 9.31 3.10
N ASN A 121 -15.79 10.57 3.51
CA ASN A 121 -14.88 11.52 2.82
C ASN A 121 -13.77 11.93 3.78
N LEU A 122 -12.56 11.99 3.25
CA LEU A 122 -11.31 12.37 3.94
C LEU A 122 -10.69 13.56 3.20
N TYR A 123 -10.34 14.64 3.94
CA TYR A 123 -9.70 15.85 3.38
C TYR A 123 -8.34 16.05 4.06
N TYR A 124 -7.35 16.53 3.31
CA TYR A 124 -6.01 16.89 3.83
C TYR A 124 -5.40 17.99 2.96
N GLY A 125 -4.84 19.04 3.59
CA GLY A 125 -4.00 20.02 2.89
C GLY A 125 -3.69 21.27 3.70
N HIS A 126 -2.72 22.05 3.22
CA HIS A 126 -2.29 23.34 3.82
C HIS A 126 -3.31 24.41 3.47
N ASP A 127 -3.75 25.17 4.48
CA ASP A 127 -4.77 26.25 4.42
C ASP A 127 -6.19 25.66 4.53
N PHE A 128 -6.36 24.41 5.00
CA PHE A 128 -7.71 23.77 5.08
C PHE A 128 -8.52 24.44 6.19
N HIS A 129 -7.87 24.85 7.28
CA HIS A 129 -8.48 25.66 8.37
C HIS A 129 -9.04 26.96 7.78
N GLU A 130 -8.28 27.60 6.89
CA GLU A 130 -8.60 28.92 6.30
C GLU A 130 -9.71 28.74 5.25
N LEU A 131 -9.62 27.70 4.42
CA LEU A 131 -10.64 27.38 3.37
C LEU A 131 -12.01 27.20 4.04
N LEU A 132 -12.06 26.40 5.10
CA LEU A 132 -13.29 26.12 5.89
C LEU A 132 -13.77 27.38 6.60
N GLY A 133 -12.86 28.06 7.32
CA GLY A 133 -13.11 29.34 8.00
C GLY A 133 -13.86 30.32 7.11
N SER A 134 -13.31 30.59 5.92
CA SER A 134 -13.89 31.52 4.90
C SER A 134 -15.33 31.11 4.57
N ALA A 135 -15.56 29.85 4.20
CA ALA A 135 -16.89 29.30 3.85
C ALA A 135 -17.86 29.43 5.04
N SER A 136 -17.43 29.05 6.24
CA SER A 136 -18.27 29.00 7.47
C SER A 136 -18.62 30.42 7.94
N GLN A 137 -17.90 31.44 7.47
CA GLN A 137 -18.01 32.84 7.94
C GLN A 137 -18.90 33.67 7.01
N ARG A 138 -19.14 33.22 5.77
CA ARG A 138 -20.22 33.78 4.91
C ARG A 138 -21.54 33.63 5.68
N GLN A 139 -22.35 34.68 5.70
CA GLN A 139 -23.64 34.70 6.44
C GLN A 139 -24.81 34.59 5.46
N THR A 140 -24.54 34.28 4.18
CA THR A 140 -25.59 34.17 3.13
C THR A 140 -25.26 33.06 2.13
N GLY A 141 -26.30 32.54 1.48
CA GLY A 141 -26.22 31.58 0.36
C GLY A 141 -25.63 30.26 0.80
N ALA A 142 -25.05 29.54 -0.16
CA ALA A 142 -24.44 28.20 0.03
C ALA A 142 -23.03 28.20 -0.53
N SER A 143 -22.12 27.48 0.14
CA SER A 143 -20.71 27.28 -0.28
C SER A 143 -20.46 25.78 -0.47
N VAL A 144 -19.96 25.41 -1.65
CA VAL A 144 -19.46 24.04 -1.99
C VAL A 144 -18.05 24.17 -2.59
N PHE A 145 -17.38 23.02 -2.73
CA PHE A 145 -15.98 22.89 -3.19
C PHE A 145 -15.96 21.97 -4.43
N ALA A 146 -15.28 22.44 -5.49
CA ALA A 146 -15.08 21.71 -6.75
C ALA A 146 -13.63 21.21 -6.78
N TYR A 147 -13.44 19.93 -7.08
CA TYR A 147 -12.13 19.23 -7.05
C TYR A 147 -11.98 18.45 -8.35
N HIS A 148 -10.86 18.63 -9.04
CA HIS A 148 -10.53 17.89 -10.29
C HIS A 148 -10.32 16.41 -9.95
N VAL A 149 -11.13 15.53 -10.55
CA VAL A 149 -11.04 14.04 -10.36
C VAL A 149 -10.93 13.38 -11.73
N LEU A 150 -10.42 12.15 -11.75
CA LEU A 150 -10.36 11.27 -12.94
C LEU A 150 -11.77 10.75 -13.26
N ASP A 151 -12.64 10.66 -12.25
CA ASP A 151 -13.88 9.85 -12.23
C ASP A 151 -15.10 10.73 -11.93
N PRO A 152 -15.33 11.85 -12.67
CA PRO A 152 -16.38 12.81 -12.31
C PRO A 152 -17.81 12.23 -12.29
N GLU A 153 -18.09 11.21 -13.12
CA GLU A 153 -19.43 10.59 -13.27
C GLU A 153 -19.93 10.06 -11.92
N ARG A 154 -19.03 9.81 -10.97
CA ARG A 154 -19.34 9.20 -9.64
C ARG A 154 -19.91 10.24 -8.68
N TYR A 155 -19.94 11.52 -9.05
CA TYR A 155 -20.26 12.65 -8.14
C TYR A 155 -21.20 13.66 -8.80
N GLY A 156 -21.61 14.66 -8.03
CA GLY A 156 -22.10 15.95 -8.55
C GLY A 156 -21.00 16.65 -9.34
N VAL A 157 -21.27 16.99 -10.61
CA VAL A 157 -20.31 17.66 -11.52
C VAL A 157 -20.75 19.11 -11.71
N VAL A 158 -19.80 20.04 -11.61
CA VAL A 158 -20.03 21.50 -11.75
C VAL A 158 -19.36 21.94 -13.05
N GLU A 159 -20.11 22.58 -13.94
CA GLU A 159 -19.64 23.14 -15.23
C GLU A 159 -19.30 24.62 -15.02
N PHE A 160 -18.20 25.09 -15.60
CA PHE A 160 -17.74 26.49 -15.55
C PHE A 160 -17.78 27.10 -16.96
N ASP A 161 -18.03 28.41 -17.06
CA ASP A 161 -17.94 29.17 -18.34
C ASP A 161 -16.51 29.69 -18.50
N GLN A 162 -16.20 30.34 -19.63
CA GLN A 162 -14.82 30.80 -19.98
C GLN A 162 -14.25 31.68 -18.86
N GLY A 163 -15.11 32.38 -18.10
CA GLY A 163 -14.71 33.30 -17.01
C GLY A 163 -14.68 32.62 -15.65
N GLY A 164 -14.79 31.29 -15.60
CA GLY A 164 -14.68 30.48 -14.37
C GLY A 164 -15.90 30.57 -13.47
N LYS A 165 -17.04 31.02 -14.01
CA LYS A 165 -18.33 31.10 -13.26
C LYS A 165 -19.06 29.75 -13.42
N ALA A 166 -19.61 29.22 -12.33
CA ALA A 166 -20.38 27.95 -12.29
C ALA A 166 -21.74 28.17 -12.97
N ILE A 167 -22.07 27.37 -13.99
CA ILE A 167 -23.27 27.59 -14.85
C ILE A 167 -24.23 26.39 -14.81
N SER A 168 -23.83 25.24 -14.25
CA SER A 168 -24.70 24.03 -14.18
C SER A 168 -24.14 22.98 -13.19
N LEU A 169 -25.05 22.24 -12.56
CA LEU A 169 -24.77 21.05 -11.71
C LEU A 169 -25.57 19.86 -12.25
N GLU A 170 -24.94 18.68 -12.36
CA GLU A 170 -25.59 17.42 -12.78
C GLU A 170 -25.18 16.30 -11.81
N GLU A 171 -26.17 15.56 -11.29
CA GLU A 171 -25.92 14.44 -10.35
C GLU A 171 -25.52 13.20 -11.15
N LYS A 172 -24.29 12.75 -10.98
CA LYS A 172 -23.72 11.53 -11.62
C LYS A 172 -24.06 11.51 -13.11
N PRO A 173 -23.59 12.50 -13.90
CA PRO A 173 -23.92 12.55 -15.33
C PRO A 173 -23.22 11.44 -16.12
N LEU A 174 -23.88 10.94 -17.18
CA LEU A 174 -23.30 9.91 -18.09
C LEU A 174 -22.20 10.55 -18.93
N GLU A 175 -22.41 11.80 -19.36
CA GLU A 175 -21.41 12.63 -20.09
C GLU A 175 -21.11 13.88 -19.27
N PRO A 176 -20.12 13.82 -18.34
CA PRO A 176 -19.78 14.96 -17.49
C PRO A 176 -19.37 16.18 -18.33
N LYS A 177 -19.81 17.38 -17.93
CA LYS A 177 -19.48 18.66 -18.62
C LYS A 177 -18.05 19.08 -18.27
N SER A 178 -17.52 18.61 -17.13
CA SER A 178 -16.14 18.89 -16.66
C SER A 178 -15.63 17.71 -15.81
N ASN A 179 -14.37 17.80 -15.37
CA ASN A 179 -13.75 16.85 -14.42
C ASN A 179 -13.86 17.37 -12.99
N TYR A 180 -14.63 18.45 -12.75
CA TYR A 180 -14.77 19.08 -11.42
C TYR A 180 -15.97 18.47 -10.69
N ALA A 181 -15.67 17.63 -9.70
CA ALA A 181 -16.65 16.98 -8.80
C ALA A 181 -16.89 17.89 -7.59
N VAL A 182 -18.15 17.99 -7.16
CA VAL A 182 -18.54 18.68 -5.89
C VAL A 182 -18.21 17.71 -4.75
N THR A 183 -17.42 18.15 -3.77
CA THR A 183 -17.00 17.33 -2.60
C THR A 183 -18.18 17.14 -1.65
N GLY A 184 -18.05 16.24 -0.68
CA GLY A 184 -19.10 15.90 0.30
C GLY A 184 -19.14 16.91 1.44
N LEU A 185 -18.95 18.19 1.15
CA LEU A 185 -18.77 19.26 2.16
C LEU A 185 -19.56 20.51 1.71
N TYR A 186 -20.56 20.89 2.50
CA TYR A 186 -21.63 21.85 2.10
C TYR A 186 -21.91 22.84 3.24
N PHE A 187 -21.91 24.14 2.93
CA PHE A 187 -22.23 25.24 3.89
C PHE A 187 -23.50 25.94 3.41
N TYR A 188 -24.51 26.00 4.29
CA TYR A 188 -25.88 26.50 3.96
C TYR A 188 -26.31 27.60 4.94
N ASP A 189 -27.06 28.56 4.41
CA ASP A 189 -27.76 29.62 5.18
C ASP A 189 -29.14 29.10 5.62
N GLN A 190 -30.00 29.99 6.11
CA GLN A 190 -31.34 29.66 6.69
C GLN A 190 -32.30 29.16 5.61
N GLN A 191 -31.99 29.29 4.32
CA GLN A 191 -32.90 28.92 3.19
C GLN A 191 -33.02 27.39 3.04
N VAL A 192 -32.04 26.60 3.45
CA VAL A 192 -31.82 25.20 2.95
C VAL A 192 -33.01 24.31 3.33
N VAL A 193 -33.49 24.38 4.58
CA VAL A 193 -34.61 23.55 5.12
C VAL A 193 -35.82 23.67 4.19
N ASP A 194 -36.22 24.90 3.85
CA ASP A 194 -37.42 25.19 3.00
C ASP A 194 -37.17 24.73 1.55
N ILE A 195 -35.94 24.88 1.04
CA ILE A 195 -35.59 24.39 -0.33
C ILE A 195 -35.73 22.86 -0.35
N ALA A 196 -35.21 22.18 0.69
CA ALA A 196 -35.24 20.72 0.83
C ALA A 196 -36.70 20.23 0.95
N ARG A 197 -37.52 20.96 1.71
CA ARG A 197 -38.96 20.67 1.95
C ARG A 197 -39.71 20.56 0.61
N ASP A 198 -39.36 21.37 -0.38
CA ASP A 198 -40.10 21.51 -1.66
C ASP A 198 -39.52 20.58 -2.75
N LEU A 199 -38.60 19.67 -2.43
CA LEU A 199 -37.99 18.74 -3.40
C LEU A 199 -38.85 17.46 -3.50
N LYS A 200 -38.71 16.70 -4.60
CA LYS A 200 -39.59 15.55 -4.98
C LYS A 200 -38.79 14.24 -4.93
N GLU A 206 -35.07 9.76 -5.52
CA GLU A 206 -34.27 10.19 -4.35
C GLU A 206 -34.17 11.73 -4.29
N LEU A 207 -34.24 12.29 -3.08
CA LEU A 207 -34.03 13.73 -2.75
C LEU A 207 -32.53 14.04 -2.81
N GLU A 208 -32.08 14.68 -3.90
CA GLU A 208 -30.64 14.88 -4.25
C GLU A 208 -30.14 16.19 -3.64
N ILE A 209 -28.96 16.15 -3.01
CA ILE A 209 -28.24 17.36 -2.51
C ILE A 209 -27.97 18.29 -3.69
N THR A 210 -27.77 17.72 -4.90
CA THR A 210 -27.48 18.45 -6.15
C THR A 210 -28.66 19.37 -6.51
N ASP A 211 -29.90 18.95 -6.25
CA ASP A 211 -31.12 19.77 -6.50
C ASP A 211 -31.14 20.96 -5.54
N VAL A 212 -30.81 20.74 -4.26
CA VAL A 212 -30.66 21.79 -3.22
C VAL A 212 -29.65 22.83 -3.72
N ASN A 213 -28.47 22.36 -4.14
CA ASN A 213 -27.36 23.23 -4.60
C ASN A 213 -27.78 23.97 -5.87
N ARG A 214 -28.52 23.31 -6.78
CA ARG A 214 -28.98 23.93 -8.04
C ARG A 214 -29.99 25.05 -7.72
N ALA A 215 -30.84 24.88 -6.70
CA ALA A 215 -31.82 25.90 -6.24
C ALA A 215 -31.08 27.17 -5.82
N TYR A 216 -29.95 27.05 -5.12
CA TYR A 216 -29.07 28.19 -4.74
C TYR A 216 -28.44 28.79 -6.00
N LEU A 217 -27.90 27.95 -6.89
CA LEU A 217 -27.26 28.37 -8.17
C LEU A 217 -28.26 29.18 -8.99
N GLU A 218 -29.51 28.72 -9.08
CA GLU A 218 -30.59 29.37 -9.87
C GLU A 218 -30.91 30.75 -9.26
N ARG A 219 -30.68 30.93 -7.96
CA ARG A 219 -30.90 32.22 -7.23
C ARG A 219 -29.63 33.07 -7.24
N GLY A 220 -28.53 32.56 -7.81
CA GLY A 220 -27.23 33.26 -7.83
C GLY A 220 -26.64 33.39 -6.44
N GLN A 221 -26.92 32.41 -5.56
CA GLN A 221 -26.46 32.42 -4.14
C GLN A 221 -25.64 31.16 -3.86
N LEU A 222 -25.00 30.58 -4.89
CA LEU A 222 -24.07 29.44 -4.73
C LEU A 222 -22.63 29.93 -4.95
N SER A 223 -21.80 29.84 -3.90
CA SER A 223 -20.34 30.05 -3.96
C SER A 223 -19.65 28.69 -4.17
N VAL A 224 -19.01 28.51 -5.33
CA VAL A 224 -18.24 27.30 -5.69
C VAL A 224 -16.75 27.66 -5.63
N GLU A 225 -16.08 27.33 -4.51
CA GLU A 225 -14.63 27.54 -4.30
C GLU A 225 -13.89 26.33 -4.90
N ILE A 226 -12.80 26.56 -5.63
CA ILE A 226 -11.91 25.46 -6.11
C ILE A 226 -11.14 24.93 -4.90
N MET A 227 -11.20 23.62 -4.67
CA MET A 227 -10.24 22.89 -3.82
C MET A 227 -9.08 22.45 -4.72
N GLY A 228 -7.95 23.14 -4.61
CA GLY A 228 -6.77 22.96 -5.48
C GLY A 228 -6.21 21.54 -5.41
N ARG A 229 -5.49 21.14 -6.47
CA ARG A 229 -4.85 19.82 -6.60
C ARG A 229 -3.85 19.58 -5.45
N GLY A 230 -3.44 20.64 -4.75
CA GLY A 230 -2.52 20.57 -3.59
C GLY A 230 -3.19 19.99 -2.35
N TYR A 231 -4.51 19.98 -2.32
CA TYR A 231 -5.33 19.26 -1.30
C TYR A 231 -5.59 17.83 -1.77
N ALA A 232 -5.63 16.88 -0.82
CA ALA A 232 -6.09 15.50 -1.06
C ALA A 232 -7.54 15.37 -0.57
N TRP A 233 -8.47 15.05 -1.49
CA TRP A 233 -9.85 14.60 -1.20
C TRP A 233 -9.99 13.14 -1.64
N LEU A 234 -10.02 12.20 -0.69
CA LEU A 234 -10.01 10.75 -0.98
C LEU A 234 -11.36 10.13 -0.65
N ASP A 235 -11.80 9.19 -1.50
CA ASP A 235 -12.93 8.26 -1.26
C ASP A 235 -12.46 7.18 -0.28
N THR A 236 -13.28 6.83 0.71
CA THR A 236 -13.04 5.72 1.66
C THR A 236 -14.19 4.72 1.56
N GLY A 237 -14.84 4.67 0.39
CA GLY A 237 -16.19 4.09 0.20
C GLY A 237 -16.16 2.68 -0.36
N THR A 238 -15.04 2.26 -0.96
CA THR A 238 -14.83 0.90 -1.53
C THR A 238 -13.66 0.23 -0.79
N HIS A 239 -13.49 -1.08 -1.02
CA HIS A 239 -12.39 -1.89 -0.44
C HIS A 239 -11.04 -1.32 -0.89
N ASP A 240 -10.93 -0.96 -2.17
CA ASP A 240 -9.68 -0.44 -2.80
C ASP A 240 -9.34 0.94 -2.23
N SER A 241 -10.30 1.87 -2.20
CA SER A 241 -10.07 3.28 -1.78
C SER A 241 -9.82 3.34 -0.26
N LEU A 242 -10.51 2.51 0.54
CA LEU A 242 -10.30 2.43 2.01
C LEU A 242 -8.84 2.05 2.28
N LEU A 243 -8.30 1.14 1.45
CA LEU A 243 -6.91 0.66 1.55
C LEU A 243 -5.94 1.79 1.17
N GLU A 244 -6.21 2.46 0.06
CA GLU A 244 -5.40 3.59 -0.47
C GLU A 244 -5.37 4.73 0.57
N ALA A 245 -6.54 5.10 1.09
CA ALA A 245 -6.71 6.14 2.13
C ALA A 245 -5.88 5.77 3.36
N GLY A 246 -5.92 4.49 3.77
CA GLY A 246 -5.15 3.97 4.92
C GLY A 246 -3.65 4.17 4.72
N GLN A 247 -3.14 3.79 3.54
CA GLN A 247 -1.70 3.87 3.18
CA GLN A 247 -1.70 3.87 3.18
C GLN A 247 -1.29 5.35 3.13
N PHE A 248 -2.20 6.22 2.68
CA PHE A 248 -2.00 7.68 2.52
C PHE A 248 -1.79 8.34 3.89
N ILE A 249 -2.68 8.04 4.83
CA ILE A 249 -2.63 8.59 6.22
C ILE A 249 -1.40 8.02 6.94
N ALA A 250 -1.11 6.73 6.79
CA ALA A 250 0.01 6.06 7.49
C ALA A 250 1.32 6.73 7.09
N THR A 251 1.49 7.03 5.79
CA THR A 251 2.71 7.63 5.18
C THR A 251 2.94 9.03 5.79
N LEU A 252 1.91 9.88 5.81
CA LEU A 252 1.96 11.24 6.41
C LEU A 252 2.28 11.12 7.91
N GLU A 253 1.54 10.29 8.64
CA GLU A 253 1.63 10.21 10.12
C GLU A 253 3.00 9.69 10.54
N ASN A 254 3.51 8.63 9.91
CA ASN A 254 4.81 8.01 10.27
C ASN A 254 5.97 8.93 9.82
N ARG A 255 5.74 9.79 8.83
CA ARG A 255 6.74 10.80 8.39
C ARG A 255 6.81 11.95 9.41
N GLN A 256 5.66 12.49 9.79
CA GLN A 256 5.54 13.77 10.55
C GLN A 256 5.67 13.53 12.05
N GLY A 257 5.26 12.36 12.54
CA GLY A 257 5.03 12.12 13.97
C GLY A 257 3.82 12.92 14.46
N LEU A 258 2.95 13.34 13.54
CA LEU A 258 1.67 14.01 13.85
C LEU A 258 0.53 13.17 13.27
N LYS A 259 -0.66 13.28 13.87
CA LYS A 259 -1.86 12.56 13.41
C LYS A 259 -2.70 13.47 12.52
N VAL A 260 -3.39 12.88 11.55
CA VAL A 260 -4.43 13.60 10.73
C VAL A 260 -5.79 13.30 11.36
N ALA A 261 -6.58 14.35 11.60
CA ALA A 261 -8.00 14.25 12.01
C ALA A 261 -8.12 13.49 13.32
N CYS A 262 -7.30 13.85 14.32
CA CYS A 262 -7.43 13.44 15.73
C CYS A 262 -8.30 14.47 16.45
N PRO A 263 -9.58 14.15 16.81
CA PRO A 263 -10.50 15.13 17.37
C PRO A 263 -10.04 15.78 18.68
N GLU A 264 -9.32 15.06 19.53
CA GLU A 264 -8.88 15.57 20.87
C GLU A 264 -7.84 16.66 20.65
N GLU A 265 -6.95 16.46 19.67
CA GLU A 265 -5.94 17.48 19.26
C GLU A 265 -6.66 18.75 18.79
N ILE A 266 -7.61 18.62 17.86
CA ILE A 266 -8.31 19.80 17.26
C ILE A 266 -9.05 20.56 18.37
N ALA A 267 -9.75 19.83 19.24
CA ALA A 267 -10.47 20.39 20.41
C ALA A 267 -9.49 21.23 21.25
N TYR A 268 -8.33 20.66 21.56
CA TYR A 268 -7.27 21.28 22.40
C TYR A 268 -6.75 22.56 21.73
N ARG A 269 -6.55 22.52 20.42
CA ARG A 269 -5.95 23.64 19.64
C ARG A 269 -6.98 24.75 19.46
N GLN A 270 -8.28 24.42 19.43
CA GLN A 270 -9.41 25.38 19.41
C GLN A 270 -9.62 25.96 20.81
N LYS A 271 -8.97 25.36 21.82
CA LYS A 271 -9.09 25.74 23.26
C LYS A 271 -10.53 25.47 23.73
N TRP A 272 -11.17 24.43 23.21
CA TRP A 272 -12.49 23.90 23.66
C TRP A 272 -12.28 22.98 24.87
N ILE A 273 -11.09 22.40 24.99
CA ILE A 273 -10.65 21.65 26.20
C ILE A 273 -9.26 22.17 26.60
N ASP A 274 -8.98 22.19 27.91
CA ASP A 274 -7.69 22.68 28.47
C ASP A 274 -6.75 21.49 28.64
N ALA A 275 -5.50 21.74 29.03
CA ALA A 275 -4.43 20.74 29.21
C ALA A 275 -4.86 19.68 30.24
N ALA A 276 -5.55 20.10 31.30
CA ALA A 276 -6.05 19.22 32.39
C ALA A 276 -7.00 18.17 31.80
N GLN A 277 -7.92 18.58 30.93
CA GLN A 277 -8.93 17.69 30.28
C GLN A 277 -8.24 16.72 29.32
N LEU A 278 -7.25 17.19 28.57
CA LEU A 278 -6.47 16.35 27.61
C LEU A 278 -5.73 15.27 28.40
N GLU A 279 -5.08 15.66 29.50
CA GLU A 279 -4.36 14.76 30.46
C GLU A 279 -5.28 13.62 30.89
N LYS A 280 -6.50 13.95 31.33
CA LYS A 280 -7.51 12.96 31.80
C LYS A 280 -7.85 12.00 30.66
N LEU A 281 -8.14 12.53 29.45
CA LEU A 281 -8.48 11.72 28.26
C LEU A 281 -7.31 10.82 27.87
N ALA A 282 -6.07 11.32 27.98
CA ALA A 282 -4.85 10.60 27.56
C ALA A 282 -4.59 9.42 28.51
N ALA A 283 -4.78 9.61 29.82
CA ALA A 283 -4.40 8.67 30.90
C ALA A 283 -4.83 7.23 30.58
N PRO A 284 -6.13 6.94 30.32
CA PRO A 284 -6.58 5.57 30.09
C PRO A 284 -6.11 4.94 28.77
N LEU A 285 -5.79 5.74 27.74
CA LEU A 285 -5.30 5.27 26.41
C LEU A 285 -3.77 5.24 26.39
N TYR A 290 -2.45 6.14 20.84
CA TYR A 290 -3.33 7.34 20.85
C TYR A 290 -3.08 8.12 22.15
N GLY A 291 -3.12 7.44 23.30
CA GLY A 291 -2.86 8.04 24.62
C GLY A 291 -1.49 8.70 24.69
N GLN A 292 -0.44 8.00 24.28
CA GLN A 292 0.95 8.51 24.23
C GLN A 292 1.00 9.79 23.39
N TYR A 293 0.31 9.80 22.25
CA TYR A 293 0.25 10.94 21.30
C TYR A 293 -0.34 12.17 21.99
N LEU A 294 -1.46 12.00 22.71
CA LEU A 294 -2.17 13.10 23.38
C LEU A 294 -1.27 13.71 24.47
N LYS A 295 -0.51 12.87 25.19
CA LYS A 295 0.46 13.31 26.23
C LYS A 295 1.53 14.20 25.58
N ARG A 296 2.03 13.79 24.42
CA ARG A 296 3.09 14.50 23.64
C ARG A 296 2.60 15.90 23.26
N LEU A 297 1.30 16.07 22.97
CA LEU A 297 0.67 17.35 22.54
C LEU A 297 0.78 18.42 23.63
N LEU A 298 0.90 18.03 24.90
CA LEU A 298 0.94 18.95 26.08
C LEU A 298 2.36 19.53 26.23
N THR A 299 3.38 18.81 25.75
CA THR A 299 4.82 19.11 25.99
C THR A 299 5.55 19.42 24.67
N GLU A 300 4.85 19.98 23.68
CA GLU A 300 5.45 20.33 22.37
C GLU A 300 4.69 21.50 21.72
N THR A 301 5.43 22.48 21.21
CA THR A 301 4.89 23.53 20.30
C THR A 301 4.89 22.97 18.87
N VAL A 302 3.71 22.91 18.25
CA VAL A 302 3.53 22.52 16.82
C VAL A 302 2.89 23.70 16.07
N TYR A 303 3.60 24.21 15.07
CA TYR A 303 3.19 25.38 14.26
C TYR A 303 2.30 24.87 13.11
N LYS B 12 -13.53 -37.55 13.97
CA LYS B 12 -13.93 -36.15 14.24
C LYS B 12 -12.76 -35.38 14.87
N ARG B 13 -12.42 -34.23 14.29
CA ARG B 13 -11.62 -33.17 14.98
C ARG B 13 -12.49 -31.90 15.08
N LYS B 14 -12.59 -31.34 16.28
CA LYS B 14 -13.39 -30.12 16.56
C LYS B 14 -12.46 -28.91 16.59
N GLY B 15 -12.94 -27.77 16.11
CA GLY B 15 -12.15 -26.53 16.00
C GLY B 15 -12.57 -25.50 17.02
N ILE B 16 -11.61 -24.69 17.50
CA ILE B 16 -11.85 -23.51 18.38
C ILE B 16 -11.16 -22.30 17.75
N ILE B 17 -11.91 -21.22 17.50
CA ILE B 17 -11.34 -19.88 17.17
C ILE B 17 -11.44 -19.01 18.43
N LEU B 18 -10.28 -18.58 18.97
CA LEU B 18 -10.20 -17.64 20.11
C LEU B 18 -10.00 -16.22 19.55
N ALA B 19 -11.04 -15.39 19.69
CA ALA B 19 -11.00 -13.95 19.34
C ALA B 19 -11.14 -13.13 20.63
N GLY B 20 -10.00 -12.73 21.23
CA GLY B 20 -9.94 -11.96 22.50
C GLY B 20 -9.85 -10.46 22.27
N SER B 34 -14.67 -4.88 17.65
CA SER B 34 -13.55 -5.81 17.99
C SER B 34 -12.77 -6.19 16.72
N LYS B 35 -11.54 -6.67 16.93
CA LYS B 35 -10.45 -6.72 15.94
C LYS B 35 -10.77 -7.76 14.85
N GLN B 36 -11.29 -8.92 15.24
CA GLN B 36 -11.53 -10.08 14.33
C GLN B 36 -12.83 -9.85 13.53
N LEU B 37 -13.58 -8.77 13.82
CA LEU B 37 -14.77 -8.33 13.04
C LEU B 37 -14.36 -7.28 12.00
N LEU B 38 -13.18 -6.68 12.14
CA LEU B 38 -12.64 -5.71 11.14
C LEU B 38 -12.38 -6.45 9.84
N PRO B 39 -12.59 -5.82 8.66
CA PRO B 39 -12.27 -6.45 7.40
C PRO B 39 -10.78 -6.41 7.08
N VAL B 40 -10.24 -7.51 6.53
CA VAL B 40 -8.95 -7.52 5.80
C VAL B 40 -9.30 -7.41 4.32
N TYR B 41 -9.18 -6.19 3.77
CA TYR B 41 -9.56 -5.83 2.38
C TYR B 41 -11.07 -6.02 2.15
N ASP B 42 -11.53 -7.24 1.86
CA ASP B 42 -12.87 -7.46 1.26
C ASP B 42 -13.78 -8.37 2.10
N LYS B 43 -13.33 -8.82 3.28
CA LYS B 43 -14.13 -9.74 4.13
C LYS B 43 -13.68 -9.61 5.58
N PRO B 44 -14.55 -9.97 6.54
CA PRO B 44 -14.22 -9.89 7.96
C PRO B 44 -13.02 -10.78 8.32
N MET B 45 -12.15 -10.31 9.22
CA MET B 45 -10.89 -10.98 9.61
C MET B 45 -11.16 -12.43 10.03
N ILE B 46 -12.29 -12.69 10.70
CA ILE B 46 -12.67 -14.02 11.25
C ILE B 46 -12.77 -15.04 10.09
N TYR B 47 -13.06 -14.58 8.87
CA TYR B 47 -13.23 -15.45 7.67
C TYR B 47 -11.93 -16.21 7.35
N TYR B 48 -10.77 -15.67 7.71
CA TYR B 48 -9.43 -16.27 7.45
C TYR B 48 -9.21 -17.47 8.38
N PRO B 49 -9.25 -17.32 9.73
CA PRO B 49 -9.12 -18.46 10.63
C PRO B 49 -10.26 -19.48 10.45
N LEU B 50 -11.47 -18.98 10.17
CA LEU B 50 -12.64 -19.85 9.90
C LEU B 50 -12.34 -20.74 8.68
N SER B 51 -11.89 -20.12 7.57
CA SER B 51 -11.54 -20.78 6.29
C SER B 51 -10.40 -21.79 6.50
N THR B 52 -9.46 -21.48 7.41
CA THR B 52 -8.29 -22.33 7.73
C THR B 52 -8.78 -23.64 8.37
N LEU B 53 -9.61 -23.56 9.40
CA LEU B 53 -10.24 -24.74 10.06
C LEU B 53 -11.05 -25.53 9.02
N MET B 54 -11.80 -24.83 8.16
CA MET B 54 -12.63 -25.46 7.11
C MET B 54 -11.73 -26.22 6.12
N LEU B 55 -10.61 -25.62 5.69
CA LEU B 55 -9.66 -26.24 4.73
C LEU B 55 -9.07 -27.52 5.34
N ALA B 56 -8.93 -27.56 6.66
CA ALA B 56 -8.41 -28.73 7.42
C ALA B 56 -9.50 -29.78 7.61
N GLY B 57 -10.71 -29.53 7.11
CA GLY B 57 -11.83 -30.50 7.11
C GLY B 57 -12.68 -30.42 8.37
N ILE B 58 -12.47 -29.41 9.21
CA ILE B 58 -13.19 -29.21 10.51
C ILE B 58 -14.50 -28.46 10.22
N ARG B 59 -15.63 -29.03 10.66
CA ARG B 59 -17.00 -28.48 10.40
C ARG B 59 -17.66 -28.01 11.71
N GLU B 60 -17.29 -28.61 12.85
CA GLU B 60 -17.81 -28.26 14.20
C GLU B 60 -16.80 -27.35 14.90
N ILE B 61 -17.16 -26.07 15.06
CA ILE B 61 -16.23 -24.99 15.47
C ILE B 61 -16.87 -24.17 16.59
N LEU B 62 -16.14 -23.98 17.69
CA LEU B 62 -16.53 -23.11 18.83
C LEU B 62 -15.80 -21.77 18.70
N ILE B 63 -16.55 -20.68 18.65
CA ILE B 63 -15.99 -19.30 18.61
C ILE B 63 -16.09 -18.72 20.04
N ILE B 64 -14.93 -18.59 20.69
CA ILE B 64 -14.77 -17.99 22.06
C ILE B 64 -14.36 -16.53 21.87
N SER B 65 -15.11 -15.61 22.50
CA SER B 65 -14.80 -14.15 22.53
C SER B 65 -15.32 -13.54 23.84
N THR B 66 -15.23 -12.22 23.95
CA THR B 66 -15.66 -11.41 25.12
C THR B 66 -17.19 -11.42 25.20
N PRO B 67 -17.79 -11.13 26.38
CA PRO B 67 -19.24 -11.07 26.50
C PRO B 67 -19.87 -10.10 25.48
N GLN B 68 -19.13 -9.06 25.10
CA GLN B 68 -19.60 -7.94 24.22
C GLN B 68 -19.55 -8.39 22.75
N ASP B 69 -18.53 -9.16 22.37
CA ASP B 69 -18.23 -9.50 20.95
C ASP B 69 -18.93 -10.80 20.54
N THR B 70 -19.21 -11.72 21.48
CA THR B 70 -19.84 -13.04 21.21
C THR B 70 -21.14 -12.84 20.44
N PRO B 71 -22.06 -11.96 20.89
CA PRO B 71 -23.31 -11.70 20.16
C PRO B 71 -23.10 -11.21 18.72
N ARG B 72 -22.06 -10.42 18.47
CA ARG B 72 -21.77 -9.82 17.13
C ARG B 72 -21.31 -10.91 16.15
N PHE B 73 -20.52 -11.89 16.62
CA PHE B 73 -20.10 -13.07 15.82
C PHE B 73 -21.35 -13.93 15.51
N GLN B 74 -22.19 -14.18 16.52
CA GLN B 74 -23.49 -14.89 16.37
C GLN B 74 -24.31 -14.22 15.26
N GLN B 75 -24.39 -12.88 15.28
CA GLN B 75 -25.16 -12.08 14.29
C GLN B 75 -24.52 -12.21 12.90
N LEU B 76 -23.18 -12.23 12.82
CA LEU B 76 -22.43 -12.32 11.52
C LEU B 76 -22.57 -13.74 10.95
N LEU B 77 -22.30 -14.76 11.75
CA LEU B 77 -21.98 -16.13 11.25
C LEU B 77 -23.15 -17.11 11.44
N GLY B 78 -24.05 -16.85 12.39
CA GLY B 78 -25.20 -17.73 12.72
C GLY B 78 -24.72 -19.08 13.25
N ASP B 79 -25.51 -20.13 13.04
CA ASP B 79 -25.17 -21.51 13.48
C ASP B 79 -24.26 -22.17 12.43
N GLY B 80 -24.11 -21.53 11.26
CA GLY B 80 -23.14 -21.92 10.21
C GLY B 80 -23.71 -22.95 9.25
N SER B 81 -24.96 -23.37 9.42
CA SER B 81 -25.65 -24.41 8.61
C SER B 81 -25.80 -23.93 7.15
N ASN B 82 -25.79 -22.62 6.92
CA ASN B 82 -25.75 -22.00 5.57
C ASN B 82 -24.47 -22.44 4.84
N TRP B 83 -23.38 -22.74 5.56
CA TRP B 83 -22.06 -23.11 5.00
C TRP B 83 -21.73 -24.58 5.32
N GLY B 84 -22.74 -25.37 5.71
CA GLY B 84 -22.60 -26.78 6.07
C GLY B 84 -21.73 -26.98 7.30
N LEU B 85 -21.69 -25.97 8.18
CA LEU B 85 -20.91 -26.01 9.45
C LEU B 85 -21.88 -26.12 10.63
N ASP B 86 -21.35 -26.48 11.78
CA ASP B 86 -22.03 -26.40 13.11
C ASP B 86 -21.21 -25.46 13.99
N LEU B 87 -21.60 -24.18 14.04
CA LEU B 87 -20.90 -23.13 14.83
C LEU B 87 -21.59 -23.00 16.20
N GLN B 88 -20.83 -23.13 17.29
CA GLN B 88 -21.27 -22.82 18.67
C GLN B 88 -20.47 -21.61 19.17
N TYR B 89 -20.93 -20.98 20.26
CA TYR B 89 -20.35 -19.74 20.84
C TYR B 89 -20.18 -19.91 22.35
N ALA B 90 -19.07 -19.41 22.88
CA ALA B 90 -18.77 -19.36 24.33
C ALA B 90 -18.06 -18.04 24.63
N VAL B 91 -18.17 -17.57 25.88
CA VAL B 91 -17.59 -16.28 26.35
C VAL B 91 -16.36 -16.58 27.22
N GLN B 92 -15.34 -15.72 27.13
CA GLN B 92 -14.16 -15.67 28.04
C GLN B 92 -14.38 -14.48 28.98
N PRO B 93 -14.77 -14.69 30.26
CA PRO B 93 -15.04 -13.56 31.16
C PRO B 93 -13.98 -12.44 31.13
N SER B 94 -12.68 -12.80 31.12
CA SER B 94 -11.54 -11.85 31.08
C SER B 94 -10.31 -12.50 30.44
N PRO B 95 -9.38 -11.71 29.84
CA PRO B 95 -8.29 -12.27 29.04
C PRO B 95 -7.14 -12.83 29.90
N ASP B 96 -7.39 -13.97 30.56
CA ASP B 96 -6.47 -14.61 31.54
C ASP B 96 -5.57 -15.66 30.86
N GLY B 97 -5.48 -15.65 29.52
CA GLY B 97 -4.54 -16.51 28.77
C GLY B 97 -5.21 -17.28 27.64
N LEU B 98 -4.41 -17.75 26.67
CA LEU B 98 -4.86 -18.46 25.44
C LEU B 98 -5.23 -19.92 25.75
N ALA B 99 -4.54 -20.55 26.70
CA ALA B 99 -4.78 -21.94 27.17
C ALA B 99 -6.18 -22.06 27.79
N GLN B 100 -6.73 -20.96 28.31
CA GLN B 100 -8.09 -20.89 28.94
C GLN B 100 -9.16 -21.40 27.97
N ALA B 101 -8.89 -21.41 26.66
CA ALA B 101 -9.80 -21.87 25.58
C ALA B 101 -10.20 -23.36 25.79
N PHE B 102 -9.30 -24.18 26.32
CA PHE B 102 -9.52 -25.64 26.53
C PHE B 102 -10.40 -25.88 27.76
N LEU B 103 -10.34 -24.99 28.75
CA LEU B 103 -11.21 -25.03 29.95
C LEU B 103 -12.63 -24.63 29.56
N ILE B 104 -12.77 -23.53 28.81
CA ILE B 104 -14.08 -22.95 28.36
C ILE B 104 -14.76 -23.92 27.40
N GLY B 105 -14.00 -24.54 26.49
CA GLY B 105 -14.50 -25.44 25.45
C GLY B 105 -14.33 -26.91 25.79
N GLU B 106 -14.12 -27.22 27.08
CA GLU B 106 -13.85 -28.60 27.58
C GLU B 106 -14.98 -29.55 27.16
N SER B 107 -16.24 -29.14 27.38
CA SER B 107 -17.46 -29.95 27.10
C SER B 107 -17.66 -30.05 25.59
N PHE B 108 -17.38 -28.96 24.87
CA PHE B 108 -17.46 -28.89 23.38
C PHE B 108 -16.49 -29.91 22.79
N ILE B 109 -15.26 -29.99 23.33
CA ILE B 109 -14.18 -30.91 22.85
C ILE B 109 -14.57 -32.35 23.18
N GLY B 110 -15.10 -32.59 24.39
CA GLY B 110 -15.43 -33.95 24.88
C GLY B 110 -14.23 -34.88 24.75
N ASN B 111 -14.41 -36.02 24.06
CA ASN B 111 -13.37 -37.07 23.89
C ASN B 111 -12.75 -37.00 22.50
N ASP B 112 -13.00 -35.94 21.73
CA ASP B 112 -12.56 -35.78 20.33
C ASP B 112 -11.17 -35.12 20.27
N LEU B 113 -10.48 -35.31 19.14
CA LEU B 113 -9.27 -34.53 18.77
C LEU B 113 -9.72 -33.07 18.58
N SER B 114 -8.85 -32.10 18.82
CA SER B 114 -9.19 -30.66 18.74
C SER B 114 -8.12 -29.90 17.94
N ALA B 115 -8.48 -28.68 17.50
CA ALA B 115 -7.60 -27.70 16.83
C ALA B 115 -7.92 -26.30 17.33
N LEU B 116 -6.89 -25.49 17.63
CA LEU B 116 -7.04 -24.08 18.10
C LEU B 116 -6.39 -23.15 17.08
N VAL B 117 -7.13 -22.11 16.67
CA VAL B 117 -6.61 -21.00 15.82
C VAL B 117 -6.85 -19.68 16.55
N LEU B 118 -5.94 -18.72 16.38
CA LEU B 118 -6.05 -17.35 16.96
C LEU B 118 -6.70 -16.42 15.91
N GLY B 119 -7.53 -15.49 16.39
CA GLY B 119 -8.47 -14.70 15.55
C GLY B 119 -7.81 -13.66 14.65
N ASP B 120 -6.51 -13.38 14.84
CA ASP B 120 -5.79 -12.25 14.18
C ASP B 120 -4.64 -12.77 13.29
N ASN B 121 -4.75 -14.00 12.79
CA ASN B 121 -3.70 -14.64 11.94
C ASN B 121 -4.29 -14.95 10.57
N LEU B 122 -3.49 -14.71 9.53
CA LEU B 122 -3.80 -14.94 8.11
C LEU B 122 -2.70 -15.84 7.52
N TYR B 123 -3.07 -16.91 6.83
CA TYR B 123 -2.16 -17.89 6.18
C TYR B 123 -2.46 -17.93 4.69
N TYR B 124 -1.43 -18.09 3.86
CA TYR B 124 -1.56 -18.26 2.39
C TYR B 124 -0.38 -19.06 1.86
N GLY B 125 -0.64 -20.07 1.03
CA GLY B 125 0.41 -20.75 0.24
C GLY B 125 -0.04 -22.03 -0.44
N HIS B 126 0.79 -22.52 -1.37
CA HIS B 126 0.61 -23.78 -2.11
C HIS B 126 0.95 -24.95 -1.18
N ASP B 127 0.06 -25.94 -1.13
CA ASP B 127 0.12 -27.17 -0.29
C ASP B 127 -0.44 -26.88 1.11
N PHE B 128 -1.18 -25.79 1.34
CA PHE B 128 -1.70 -25.44 2.69
C PHE B 128 -2.81 -26.43 3.08
N HIS B 129 -3.60 -26.88 2.11
CA HIS B 129 -4.61 -27.97 2.29
C HIS B 129 -3.90 -29.24 2.80
N GLU B 130 -2.75 -29.55 2.20
CA GLU B 130 -1.98 -30.81 2.48
C GLU B 130 -1.27 -30.67 3.84
N LEU B 131 -0.70 -29.50 4.12
CA LEU B 131 0.00 -29.21 5.40
C LEU B 131 -0.98 -29.41 6.57
N LEU B 132 -2.17 -28.82 6.46
CA LEU B 132 -3.27 -28.92 7.47
C LEU B 132 -3.79 -30.36 7.55
N GLY B 133 -4.11 -30.95 6.40
CA GLY B 133 -4.57 -32.34 6.27
C GLY B 133 -3.69 -33.29 7.06
N SER B 134 -2.37 -33.26 6.82
CA SER B 134 -1.36 -34.11 7.50
C SER B 134 -1.46 -33.94 9.02
N ALA B 135 -1.42 -32.71 9.52
CA ALA B 135 -1.51 -32.38 10.96
C ALA B 135 -2.83 -32.90 11.55
N SER B 136 -3.96 -32.64 10.88
CA SER B 136 -5.33 -32.96 11.36
C SER B 136 -5.56 -34.48 11.35
N GLN B 137 -4.73 -35.24 10.64
CA GLN B 137 -4.91 -36.70 10.40
C GLN B 137 -4.07 -37.53 11.39
N ARG B 138 -3.05 -36.93 12.01
CA ARG B 138 -2.35 -37.54 13.18
C ARG B 138 -3.40 -37.79 14.25
N GLN B 139 -3.42 -38.95 14.90
CA GLN B 139 -4.42 -39.32 15.93
C GLN B 139 -3.75 -39.30 17.31
N THR B 140 -2.51 -38.78 17.42
CA THR B 140 -1.78 -38.69 18.71
C THR B 140 -0.99 -37.38 18.81
N GLY B 141 -0.71 -36.97 20.06
CA GLY B 141 0.17 -35.85 20.42
C GLY B 141 -0.38 -34.52 19.93
N ALA B 142 0.52 -33.56 19.72
CA ALA B 142 0.21 -32.18 19.29
C ALA B 142 1.05 -31.82 18.08
N SER B 143 0.46 -31.07 17.15
CA SER B 143 1.14 -30.54 15.93
C SER B 143 1.08 -29.01 15.96
N VAL B 144 2.25 -28.37 15.82
CA VAL B 144 2.41 -26.90 15.66
C VAL B 144 3.31 -26.64 14.44
N PHE B 145 3.36 -25.37 14.02
CA PHE B 145 4.09 -24.91 12.82
C PHE B 145 5.09 -23.83 13.25
N ALA B 146 6.35 -23.98 12.82
CA ALA B 146 7.46 -23.02 13.03
C ALA B 146 7.69 -22.26 11.74
N TYR B 147 7.76 -20.93 11.82
CA TYR B 147 7.89 -20.01 10.66
C TYR B 147 9.01 -19.03 10.97
N HIS B 148 9.95 -18.87 10.04
CA HIS B 148 11.08 -17.90 10.15
C HIS B 148 10.50 -16.49 10.08
N VAL B 149 10.72 -15.69 11.13
CA VAL B 149 10.26 -14.27 11.21
C VAL B 149 11.46 -13.38 11.56
N LEU B 150 11.34 -12.09 11.26
CA LEU B 150 12.30 -11.02 11.66
C LEU B 150 12.16 -10.76 13.16
N ASP B 151 10.96 -11.00 13.74
CA ASP B 151 10.53 -10.47 15.07
C ASP B 151 10.15 -11.61 16.01
N PRO B 152 11.02 -12.62 16.24
CA PRO B 152 10.65 -13.81 17.02
C PRO B 152 10.18 -13.52 18.47
N GLU B 153 10.72 -12.46 19.09
CA GLU B 153 10.43 -12.09 20.50
C GLU B 153 8.93 -11.90 20.72
N ARG B 154 8.17 -11.64 19.65
CA ARG B 154 6.72 -11.31 19.71
C ARG B 154 5.88 -12.59 19.86
N TYR B 155 6.48 -13.78 19.79
CA TYR B 155 5.77 -15.08 19.70
C TYR B 155 6.40 -16.12 20.62
N GLY B 156 5.78 -17.29 20.67
CA GLY B 156 6.45 -18.55 21.07
C GLY B 156 7.58 -18.88 20.10
N VAL B 157 8.78 -19.06 20.63
CA VAL B 157 10.01 -19.39 19.84
C VAL B 157 10.37 -20.85 20.09
N VAL B 158 10.68 -21.57 19.01
CA VAL B 158 11.07 -23.00 19.07
C VAL B 158 12.54 -23.09 18.67
N GLU B 159 13.36 -23.71 19.53
CA GLU B 159 14.81 -23.96 19.30
C GLU B 159 14.98 -25.36 18.71
N PHE B 160 15.88 -25.50 17.73
CA PHE B 160 16.21 -26.78 17.06
C PHE B 160 17.68 -27.13 17.35
N ASP B 161 18.00 -28.43 17.44
CA ASP B 161 19.39 -28.95 17.59
C ASP B 161 19.98 -29.17 16.19
N GLY B 164 17.96 -30.88 13.57
CA GLY B 164 16.65 -30.26 13.25
C GLY B 164 15.52 -30.70 14.18
N LYS B 165 15.86 -31.27 15.35
CA LYS B 165 14.86 -31.71 16.36
C LYS B 165 14.57 -30.54 17.30
N ALA B 166 13.29 -30.32 17.63
CA ALA B 166 12.83 -29.24 18.55
C ALA B 166 13.23 -29.61 19.99
N ILE B 167 13.96 -28.72 20.68
CA ILE B 167 14.55 -29.03 22.02
C ILE B 167 14.05 -28.06 23.10
N SER B 168 13.39 -26.95 22.76
CA SER B 168 12.88 -25.97 23.75
C SER B 168 11.85 -25.00 23.12
N LEU B 169 10.91 -24.55 23.94
CA LEU B 169 9.91 -23.49 23.65
C LEU B 169 10.01 -22.40 24.73
N GLU B 170 10.00 -21.13 24.32
CA GLU B 170 10.01 -19.95 25.24
C GLU B 170 8.94 -18.96 24.78
N GLU B 171 8.07 -18.52 25.68
CA GLU B 171 7.00 -17.53 25.39
C GLU B 171 7.61 -16.13 25.40
N LYS B 172 7.63 -15.47 24.24
CA LYS B 172 8.11 -14.09 24.04
C LYS B 172 9.46 -13.90 24.76
N PRO B 173 10.51 -14.63 24.36
CA PRO B 173 11.82 -14.50 25.02
C PRO B 173 12.50 -13.16 24.72
N LEU B 174 13.24 -12.62 25.69
CA LEU B 174 14.05 -11.38 25.52
C LEU B 174 15.24 -11.68 24.60
N GLU B 175 15.82 -12.86 24.73
CA GLU B 175 16.93 -13.36 23.84
C GLU B 175 16.47 -14.63 23.15
N PRO B 176 15.80 -14.53 21.97
CA PRO B 176 15.30 -15.70 21.25
C PRO B 176 16.41 -16.67 20.89
N LYS B 177 16.17 -17.98 21.05
CA LYS B 177 17.14 -19.07 20.71
C LYS B 177 17.22 -19.25 19.20
N SER B 178 16.17 -18.86 18.47
CA SER B 178 16.08 -18.94 16.98
C SER B 178 15.15 -17.83 16.46
N ASN B 179 15.02 -17.73 15.14
CA ASN B 179 14.08 -16.84 14.43
C ASN B 179 12.79 -17.61 14.08
N TYR B 180 12.61 -18.82 14.60
CA TYR B 180 11.43 -19.68 14.30
C TYR B 180 10.35 -19.44 15.35
N ALA B 181 9.30 -18.72 14.95
CA ALA B 181 8.10 -18.42 15.76
C ALA B 181 7.06 -19.53 15.55
N VAL B 182 6.39 -19.95 16.62
CA VAL B 182 5.24 -20.88 16.57
C VAL B 182 4.03 -20.08 16.12
N THR B 183 3.36 -20.51 15.04
CA THR B 183 2.19 -19.82 14.45
C THR B 183 0.97 -20.02 15.35
N GLY B 184 -0.11 -19.26 15.10
CA GLY B 184 -1.35 -19.29 15.91
C GLY B 184 -2.25 -20.46 15.52
N LEU B 185 -1.66 -21.62 15.22
CA LEU B 185 -2.37 -22.79 14.65
C LEU B 185 -1.88 -24.06 15.33
N TYR B 186 -2.77 -24.77 16.04
CA TYR B 186 -2.42 -25.83 17.03
C TYR B 186 -3.37 -27.02 16.87
N PHE B 187 -2.81 -28.23 16.74
CA PHE B 187 -3.57 -29.51 16.63
C PHE B 187 -3.26 -30.37 17.87
N TYR B 188 -4.31 -30.78 18.59
CA TYR B 188 -4.21 -31.45 19.90
C TYR B 188 -5.01 -32.76 19.89
N ASP B 189 -4.49 -33.75 20.62
CA ASP B 189 -5.17 -35.03 20.92
C ASP B 189 -6.00 -34.86 22.21
N GLN B 190 -6.50 -35.97 22.77
CA GLN B 190 -7.41 -35.97 23.94
C GLN B 190 -6.69 -35.52 25.22
N GLN B 191 -5.37 -35.40 25.23
CA GLN B 191 -4.58 -35.04 26.44
C GLN B 191 -4.74 -33.56 26.84
N VAL B 192 -5.08 -32.66 25.90
CA VAL B 192 -4.84 -31.19 26.04
C VAL B 192 -5.64 -30.62 27.22
N VAL B 193 -6.92 -31.00 27.35
CA VAL B 193 -7.86 -30.54 28.42
C VAL B 193 -7.21 -30.74 29.80
N ASP B 194 -6.69 -31.95 30.08
CA ASP B 194 -6.09 -32.33 31.38
C ASP B 194 -4.76 -31.61 31.58
N ILE B 195 -3.98 -31.40 30.51
CA ILE B 195 -2.70 -30.63 30.59
C ILE B 195 -3.04 -29.17 30.97
N ALA B 196 -4.05 -28.59 30.32
CA ALA B 196 -4.52 -27.21 30.54
C ALA B 196 -5.04 -27.05 31.97
N ARG B 197 -5.80 -28.05 32.45
CA ARG B 197 -6.39 -28.10 33.82
C ARG B 197 -5.30 -27.91 34.88
N ASP B 198 -4.09 -28.45 34.67
CA ASP B 198 -2.99 -28.51 35.68
C ASP B 198 -2.03 -27.31 35.53
N LEU B 199 -2.36 -26.30 34.71
CA LEU B 199 -1.46 -25.13 34.48
C LEU B 199 -1.70 -24.03 35.52
N LYS B 200 -0.72 -23.14 35.70
CA LYS B 200 -0.71 -22.02 36.69
C LYS B 200 -0.68 -20.68 35.94
N LEU B 207 -2.10 -18.22 31.87
CA LEU B 207 -2.17 -19.60 31.31
C LEU B 207 -1.72 -19.57 29.85
N GLU B 208 -0.46 -19.94 29.59
CA GLU B 208 0.23 -19.79 28.27
C GLU B 208 0.00 -21.06 27.43
N ILE B 209 -0.34 -20.91 26.16
CA ILE B 209 -0.41 -22.02 25.16
C ILE B 209 0.98 -22.68 25.08
N THR B 210 2.05 -21.90 25.27
CA THR B 210 3.46 -22.36 25.21
C THR B 210 3.72 -23.41 26.29
N ASP B 211 3.10 -23.28 27.47
CA ASP B 211 3.25 -24.26 28.58
C ASP B 211 2.58 -25.59 28.18
N VAL B 212 1.38 -25.50 27.59
CA VAL B 212 0.62 -26.65 27.02
C VAL B 212 1.53 -27.39 26.04
N ASN B 213 2.12 -26.65 25.08
CA ASN B 213 2.97 -27.21 24.01
C ASN B 213 4.24 -27.80 24.62
N ARG B 214 4.80 -27.17 25.66
CA ARG B 214 6.03 -27.66 26.34
C ARG B 214 5.73 -28.99 27.03
N ALA B 215 4.52 -29.15 27.61
CA ALA B 215 4.08 -30.40 28.27
C ALA B 215 4.09 -31.55 27.27
N TYR B 216 3.65 -31.32 26.02
CA TYR B 216 3.72 -32.31 24.92
C TYR B 216 5.19 -32.58 24.55
N LEU B 217 5.98 -31.51 24.40
CA LEU B 217 7.43 -31.59 24.04
C LEU B 217 8.16 -32.43 25.09
N GLU B 218 7.87 -32.23 26.37
CA GLU B 218 8.51 -32.95 27.51
C GLU B 218 8.15 -34.44 27.43
N ARG B 219 6.99 -34.79 26.86
CA ARG B 219 6.53 -36.19 26.68
C ARG B 219 6.99 -36.75 25.34
N GLY B 220 7.66 -35.96 24.50
CA GLY B 220 8.11 -36.37 23.16
C GLY B 220 6.93 -36.61 22.23
N GLN B 221 5.83 -35.86 22.42
CA GLN B 221 4.58 -36.00 21.64
C GLN B 221 4.24 -34.67 20.97
N LEU B 222 5.25 -33.82 20.71
CA LEU B 222 5.09 -32.56 19.94
C LEU B 222 5.70 -32.73 18.55
N SER B 223 4.87 -32.64 17.52
CA SER B 223 5.29 -32.56 16.10
C SER B 223 5.38 -31.08 15.69
N VAL B 224 6.59 -30.61 15.40
CA VAL B 224 6.86 -29.22 14.94
C VAL B 224 7.22 -29.29 13.45
N GLU B 225 6.25 -29.01 12.58
CA GLU B 225 6.42 -28.95 11.10
C GLU B 225 6.91 -27.54 10.73
N ILE B 226 7.89 -27.43 9.84
CA ILE B 226 8.33 -26.13 9.27
C ILE B 226 7.25 -25.66 8.30
N MET B 227 6.75 -24.43 8.49
CA MET B 227 6.01 -23.67 7.45
C MET B 227 7.05 -22.88 6.65
N GLY B 228 7.34 -23.35 5.44
CA GLY B 228 8.39 -22.78 4.57
C GLY B 228 8.15 -21.32 4.23
N ARG B 229 9.23 -20.62 3.88
CA ARG B 229 9.23 -19.18 3.49
C ARG B 229 8.32 -18.94 2.27
N GLY B 230 7.97 -20.00 1.54
CA GLY B 230 7.05 -19.95 0.38
C GLY B 230 5.61 -19.72 0.78
N TYR B 231 5.27 -19.95 2.05
CA TYR B 231 3.97 -19.59 2.66
C TYR B 231 4.07 -18.17 3.25
N ALA B 232 2.96 -17.43 3.21
CA ALA B 232 2.81 -16.14 3.90
C ALA B 232 1.99 -16.34 5.17
N TRP B 233 2.59 -16.07 6.34
CA TRP B 233 1.91 -15.95 7.66
C TRP B 233 2.02 -14.50 8.13
N LEU B 234 0.91 -13.76 8.06
CA LEU B 234 0.88 -12.31 8.37
C LEU B 234 0.13 -12.06 9.67
N ASP B 235 0.64 -11.11 10.47
CA ASP B 235 -0.05 -10.47 11.62
C ASP B 235 -1.10 -9.49 11.07
N THR B 236 -2.31 -9.48 11.65
CA THR B 236 -3.37 -8.50 11.33
C THR B 236 -3.74 -7.73 12.60
N GLY B 237 -2.79 -7.62 13.54
CA GLY B 237 -3.04 -7.28 14.95
C GLY B 237 -2.77 -5.82 15.29
N THR B 238 -2.03 -5.11 14.43
CA THR B 238 -1.70 -3.66 14.58
C THR B 238 -2.27 -2.88 13.39
N HIS B 239 -2.25 -1.56 13.47
CA HIS B 239 -2.71 -0.63 12.40
C HIS B 239 -1.87 -0.86 11.14
N ASP B 240 -0.55 -1.01 11.29
CA ASP B 240 0.43 -1.20 10.19
C ASP B 240 0.20 -2.56 9.52
N SER B 241 0.13 -3.64 10.28
CA SER B 241 0.05 -5.02 9.74
C SER B 241 -1.33 -5.26 9.12
N LEU B 242 -2.40 -4.71 9.69
CA LEU B 242 -3.78 -4.81 9.12
C LEU B 242 -3.76 -4.20 7.72
N LEU B 243 -3.04 -3.09 7.54
CA LEU B 243 -2.90 -2.38 6.26
C LEU B 243 -2.10 -3.24 5.28
N GLU B 244 -0.97 -3.78 5.72
CA GLU B 244 -0.06 -4.64 4.91
C GLU B 244 -0.83 -5.89 4.45
N ALA B 245 -1.52 -6.55 5.38
CA ALA B 245 -2.35 -7.75 5.11
C ALA B 245 -3.42 -7.41 4.06
N GLY B 246 -4.06 -6.25 4.19
CA GLY B 246 -5.08 -5.77 3.23
C GLY B 246 -4.51 -5.64 1.82
N GLN B 247 -3.34 -5.00 1.70
CA GLN B 247 -2.65 -4.75 0.40
CA GLN B 247 -2.65 -4.75 0.40
C GLN B 247 -2.23 -6.09 -0.19
N PHE B 248 -1.82 -7.04 0.66
CA PHE B 248 -1.34 -8.40 0.29
C PHE B 248 -2.48 -9.19 -0.36
N ILE B 249 -3.63 -9.23 0.29
CA ILE B 249 -4.83 -9.96 -0.19
C ILE B 249 -5.36 -9.30 -1.47
N ALA B 250 -5.41 -7.97 -1.51
CA ALA B 250 -5.95 -7.22 -2.67
C ALA B 250 -5.11 -7.55 -3.92
N THR B 251 -3.78 -7.59 -3.79
CA THR B 251 -2.81 -7.84 -4.88
C THR B 251 -3.05 -9.25 -5.47
N LEU B 252 -3.13 -10.27 -4.62
CA LEU B 252 -3.42 -11.66 -5.04
C LEU B 252 -4.79 -11.72 -5.72
N GLU B 253 -5.83 -11.19 -5.06
CA GLU B 253 -7.23 -11.33 -5.52
C GLU B 253 -7.43 -10.62 -6.86
N ASN B 254 -6.93 -9.39 -7.01
CA ASN B 254 -7.11 -8.59 -8.26
C ASN B 254 -6.25 -9.18 -9.39
N ARG B 255 -5.17 -9.89 -9.06
CA ARG B 255 -4.32 -10.59 -10.05
C ARG B 255 -5.02 -11.85 -10.57
N GLN B 256 -5.54 -12.67 -9.65
CA GLN B 256 -6.01 -14.05 -9.93
C GLN B 256 -7.47 -14.04 -10.40
N GLY B 257 -8.27 -13.07 -9.94
CA GLY B 257 -9.74 -13.14 -10.04
C GLY B 257 -10.29 -14.24 -9.14
N LEU B 258 -9.51 -14.66 -8.14
CA LEU B 258 -9.96 -15.62 -7.10
C LEU B 258 -9.85 -14.93 -5.73
N LYS B 259 -10.66 -15.37 -4.77
CA LYS B 259 -10.67 -14.80 -3.40
C LYS B 259 -9.84 -15.71 -2.48
N VAL B 260 -9.20 -15.12 -1.48
CA VAL B 260 -8.49 -15.86 -0.40
C VAL B 260 -9.44 -15.95 0.79
N ALA B 261 -9.64 -17.16 1.32
CA ALA B 261 -10.36 -17.43 2.58
C ALA B 261 -11.81 -16.93 2.47
N CYS B 262 -12.49 -17.27 1.37
CA CYS B 262 -13.95 -17.12 1.19
C CYS B 262 -14.62 -18.41 1.69
N PRO B 263 -15.31 -18.39 2.85
CA PRO B 263 -15.87 -19.61 3.44
C PRO B 263 -16.86 -20.38 2.56
N GLU B 264 -17.67 -19.67 1.76
CA GLU B 264 -18.74 -20.28 0.93
C GLU B 264 -18.07 -21.11 -0.18
N GLU B 265 -16.97 -20.60 -0.74
CA GLU B 265 -16.15 -21.32 -1.74
C GLU B 265 -15.62 -22.62 -1.12
N ILE B 266 -14.97 -22.53 0.04
CA ILE B 266 -14.33 -23.71 0.68
C ILE B 266 -15.40 -24.76 0.99
N ALA B 267 -16.53 -24.34 1.55
CA ALA B 267 -17.70 -25.19 1.86
C ALA B 267 -18.12 -25.94 0.59
N TYR B 268 -18.27 -25.21 -0.52
CA TYR B 268 -18.72 -25.75 -1.82
C TYR B 268 -17.72 -26.79 -2.35
N ARG B 269 -16.42 -26.52 -2.21
CA ARG B 269 -15.33 -27.37 -2.75
C ARG B 269 -15.16 -28.62 -1.87
N GLN B 270 -15.49 -28.52 -0.58
CA GLN B 270 -15.52 -29.67 0.37
C GLN B 270 -16.80 -30.49 0.13
N LYS B 271 -17.74 -29.95 -0.65
CA LYS B 271 -19.07 -30.55 -0.95
C LYS B 271 -19.89 -30.64 0.33
N TRP B 272 -19.72 -29.67 1.24
CA TRP B 272 -20.56 -29.48 2.46
C TRP B 272 -21.85 -28.74 2.10
N ILE B 273 -21.83 -27.97 1.01
CA ILE B 273 -23.04 -27.35 0.39
C ILE B 273 -23.01 -27.66 -1.11
N ASP B 274 -24.19 -27.81 -1.71
CA ASP B 274 -24.38 -28.12 -3.15
C ASP B 274 -24.54 -26.80 -3.91
N ALA B 275 -24.61 -26.88 -5.24
CA ALA B 275 -24.74 -25.73 -6.17
C ALA B 275 -26.01 -24.93 -5.85
N ALA B 276 -27.10 -25.62 -5.51
CA ALA B 276 -28.41 -25.02 -5.15
C ALA B 276 -28.25 -24.07 -3.96
N GLN B 277 -27.53 -24.53 -2.92
CA GLN B 277 -27.30 -23.76 -1.66
C GLN B 277 -26.39 -22.55 -1.95
N LEU B 278 -25.37 -22.72 -2.79
CA LEU B 278 -24.45 -21.61 -3.17
C LEU B 278 -25.25 -20.53 -3.92
N GLU B 279 -26.10 -20.95 -4.86
CA GLU B 279 -27.03 -20.08 -5.64
C GLU B 279 -27.85 -19.20 -4.67
N LYS B 280 -28.47 -19.82 -3.66
CA LYS B 280 -29.30 -19.12 -2.63
C LYS B 280 -28.42 -18.09 -1.90
N LEU B 281 -27.24 -18.49 -1.44
CA LEU B 281 -26.30 -17.61 -0.69
C LEU B 281 -25.84 -16.45 -1.58
N ALA B 282 -25.63 -16.70 -2.88
CA ALA B 282 -25.11 -15.70 -3.84
C ALA B 282 -26.19 -14.64 -4.12
N ALA B 283 -27.46 -15.07 -4.27
CA ALA B 283 -28.60 -14.25 -4.72
C ALA B 283 -28.66 -12.89 -4.00
N PRO B 284 -28.70 -12.82 -2.65
CA PRO B 284 -28.85 -11.53 -1.95
C PRO B 284 -27.62 -10.61 -2.03
N LEU B 285 -26.41 -11.16 -2.24
CA LEU B 285 -25.14 -10.38 -2.39
C LEU B 285 -24.91 -10.09 -3.89
N ALA B 286 -25.85 -10.54 -4.74
CA ALA B 286 -25.89 -10.34 -6.20
C ALA B 286 -25.42 -8.93 -6.54
N LYS B 287 -25.94 -7.93 -5.82
CA LYS B 287 -25.61 -6.48 -5.94
C LYS B 287 -24.10 -6.28 -6.10
N ASN B 288 -23.27 -6.92 -5.26
CA ASN B 288 -21.83 -6.61 -5.09
C ASN B 288 -20.95 -7.68 -5.75
N GLY B 289 -19.62 -7.46 -5.69
CA GLY B 289 -18.55 -8.33 -6.19
C GLY B 289 -18.54 -9.70 -5.53
N TYR B 290 -19.03 -9.82 -4.29
CA TYR B 290 -19.00 -11.06 -3.47
C TYR B 290 -20.08 -12.04 -3.96
N GLY B 291 -21.32 -11.55 -4.14
CA GLY B 291 -22.41 -12.31 -4.77
C GLY B 291 -22.04 -12.76 -6.18
N GLN B 292 -21.54 -11.83 -7.00
CA GLN B 292 -21.07 -12.10 -8.39
C GLN B 292 -20.02 -13.20 -8.38
N TYR B 293 -19.08 -13.16 -7.41
CA TYR B 293 -17.99 -14.14 -7.27
C TYR B 293 -18.54 -15.54 -7.03
N LEU B 294 -19.51 -15.67 -6.12
CA LEU B 294 -20.11 -16.97 -5.75
C LEU B 294 -20.83 -17.58 -6.97
N LYS B 295 -21.49 -16.73 -7.77
CA LYS B 295 -22.20 -17.15 -9.02
C LYS B 295 -21.18 -17.73 -9.99
N ARG B 296 -20.03 -17.05 -10.13
CA ARG B 296 -18.92 -17.43 -11.05
C ARG B 296 -18.39 -18.83 -10.68
N LEU B 297 -18.36 -19.17 -9.38
CA LEU B 297 -17.85 -20.47 -8.85
C LEU B 297 -18.66 -21.66 -9.39
N LEU B 298 -19.93 -21.46 -9.77
CA LEU B 298 -20.85 -22.52 -10.25
C LEU B 298 -20.56 -22.85 -11.72
N THR B 299 -20.01 -21.89 -12.48
CA THR B 299 -19.86 -21.96 -13.95
C THR B 299 -18.38 -21.91 -14.37
N GLU B 300 -17.46 -22.40 -13.52
CA GLU B 300 -16.01 -22.38 -13.83
C GLU B 300 -15.30 -23.53 -13.11
N THR B 301 -14.45 -24.26 -13.83
CA THR B 301 -13.48 -25.21 -13.25
C THR B 301 -12.23 -24.44 -12.81
N VAL B 302 -11.90 -24.51 -11.51
CA VAL B 302 -10.68 -23.91 -10.89
C VAL B 302 -9.87 -25.04 -10.26
N TYR B 303 -8.64 -25.24 -10.71
CA TYR B 303 -7.73 -26.31 -10.24
C TYR B 303 -6.97 -25.79 -9.02
N LYS C 12 17.02 37.91 -11.24
CA LYS C 12 17.50 36.59 -11.80
C LYS C 12 17.93 35.69 -10.62
N ARG C 13 17.34 34.51 -10.48
CA ARG C 13 17.77 33.47 -9.51
C ARG C 13 18.10 32.19 -10.29
N LYS C 14 19.27 31.62 -10.05
CA LYS C 14 19.76 30.37 -10.71
C LYS C 14 19.56 29.20 -9.75
N GLY C 15 19.29 28.01 -10.29
CA GLY C 15 18.99 26.79 -9.52
C GLY C 15 20.12 25.78 -9.60
N ILE C 16 20.35 25.03 -8.53
CA ILE C 16 21.29 23.87 -8.49
C ILE C 16 20.53 22.65 -7.92
N ILE C 17 20.50 21.54 -8.66
CA ILE C 17 20.08 20.20 -8.15
C ILE C 17 21.34 19.38 -7.87
N LEU C 18 21.56 19.00 -6.62
CA LEU C 18 22.65 18.08 -6.20
C LEU C 18 22.11 16.66 -6.10
N ALA C 19 22.51 15.79 -7.03
CA ALA C 19 22.19 14.35 -7.05
C ALA C 19 23.48 13.55 -6.83
N GLY C 20 23.81 13.22 -5.57
CA GLY C 20 25.10 12.65 -5.15
C GLY C 20 25.03 11.14 -4.96
N LYS C 35 20.22 6.83 -8.08
CA LYS C 35 19.00 6.90 -7.21
C LYS C 35 18.01 7.92 -7.79
N GLN C 36 18.50 9.09 -8.24
CA GLN C 36 17.65 10.20 -8.73
C GLN C 36 17.20 9.94 -10.17
N LEU C 37 17.67 8.86 -10.79
CA LEU C 37 17.22 8.37 -12.12
C LEU C 37 16.14 7.29 -11.95
N LEU C 38 15.99 6.72 -10.75
CA LEU C 38 14.91 5.76 -10.43
C LEU C 38 13.57 6.48 -10.52
N PRO C 39 12.49 5.82 -10.98
CA PRO C 39 11.18 6.43 -11.01
C PRO C 39 10.52 6.44 -9.62
N VAL C 40 9.83 7.54 -9.30
CA VAL C 40 8.79 7.58 -8.23
C VAL C 40 7.45 7.41 -8.96
N TYR C 41 6.93 6.18 -8.94
CA TYR C 41 5.70 5.74 -9.64
C TYR C 41 5.86 5.88 -11.17
N ASP C 42 5.66 7.08 -11.74
CA ASP C 42 5.41 7.23 -13.19
C ASP C 42 6.44 8.13 -13.89
N LYS C 43 7.45 8.63 -13.17
CA LYS C 43 8.46 9.54 -13.77
C LYS C 43 9.75 9.48 -12.96
N PRO C 44 10.90 9.84 -13.57
CA PRO C 44 12.20 9.82 -12.88
C PRO C 44 12.20 10.76 -11.67
N MET C 45 12.85 10.34 -10.58
CA MET C 45 12.90 11.07 -9.29
C MET C 45 13.36 12.52 -9.49
N ILE C 46 14.29 12.76 -10.42
CA ILE C 46 14.87 14.10 -10.71
C ILE C 46 13.77 15.07 -11.15
N TYR C 47 12.67 14.58 -11.71
CA TYR C 47 11.53 15.39 -12.23
C TYR C 47 10.86 16.19 -11.09
N TYR C 48 10.93 15.70 -9.85
CA TYR C 48 10.32 16.34 -8.65
C TYR C 48 11.14 17.57 -8.24
N PRO C 49 12.44 17.46 -7.92
CA PRO C 49 13.25 18.65 -7.61
C PRO C 49 13.35 19.61 -8.80
N LEU C 50 13.40 19.08 -10.02
CA LEU C 50 13.41 19.90 -11.26
C LEU C 50 12.13 20.75 -11.31
N SER C 51 10.97 20.12 -11.13
CA SER C 51 9.63 20.74 -11.14
C SER C 51 9.53 21.80 -10.03
N THR C 52 10.16 21.54 -8.87
CA THR C 52 10.16 22.44 -7.69
C THR C 52 10.86 23.75 -8.05
N LEU C 53 12.08 23.68 -8.60
CA LEU C 53 12.85 24.86 -9.07
C LEU C 53 12.03 25.60 -10.15
N MET C 54 11.40 24.84 -11.06
CA MET C 54 10.57 25.43 -12.15
C MET C 54 9.38 26.17 -11.55
N LEU C 55 8.70 25.59 -10.56
CA LEU C 55 7.51 26.22 -9.89
C LEU C 55 7.94 27.53 -9.23
N ALA C 56 9.18 27.61 -8.75
CA ALA C 56 9.76 28.81 -8.09
C ALA C 56 10.18 29.85 -9.15
N GLY C 57 10.01 29.54 -10.44
CA GLY C 57 10.26 30.49 -11.55
C GLY C 57 11.68 30.43 -12.05
N ILE C 58 12.47 29.44 -11.61
CA ILE C 58 13.91 29.28 -11.98
C ILE C 58 14.00 28.48 -13.29
N ARG C 59 14.69 29.03 -14.29
CA ARG C 59 14.81 28.46 -15.66
C ARG C 59 16.24 28.01 -15.95
N GLU C 60 17.24 28.64 -15.33
CA GLU C 60 18.68 28.30 -15.49
C GLU C 60 19.11 27.42 -14.31
N ILE C 61 19.37 26.14 -14.57
CA ILE C 61 19.56 25.09 -13.52
C ILE C 61 20.84 24.29 -13.83
N LEU C 62 21.70 24.16 -12.82
CA LEU C 62 22.93 23.32 -12.86
C LEU C 62 22.64 22.00 -12.14
N ILE C 63 22.81 20.87 -12.83
CA ILE C 63 22.69 19.52 -12.24
C ILE C 63 24.09 18.98 -11.95
N ILE C 64 24.44 18.91 -10.67
CA ILE C 64 25.71 18.35 -10.13
C ILE C 64 25.45 16.90 -9.74
N SER C 65 26.27 15.96 -10.25
CA SER C 65 26.26 14.53 -9.87
C SER C 65 27.66 13.92 -10.00
N THR C 66 27.75 12.60 -9.85
CA THR C 66 29.00 11.80 -9.93
C THR C 66 29.52 11.78 -11.38
N ASP C 69 27.20 9.40 -13.38
CA ASP C 69 25.74 9.69 -13.48
C ASP C 69 25.48 10.97 -14.28
N THR C 70 26.43 11.92 -14.32
CA THR C 70 26.29 13.22 -15.04
C THR C 70 25.90 12.96 -16.50
N PRO C 71 26.60 12.08 -17.24
CA PRO C 71 26.21 11.76 -18.62
C PRO C 71 24.77 11.23 -18.78
N ARG C 72 24.29 10.46 -17.80
CA ARG C 72 22.95 9.82 -17.83
C ARG C 72 21.85 10.88 -17.68
N PHE C 73 22.07 11.91 -16.84
CA PHE C 73 21.17 13.07 -16.68
C PHE C 73 21.17 13.88 -17.98
N GLN C 74 22.34 14.15 -18.56
CA GLN C 74 22.51 14.80 -19.88
C GLN C 74 21.65 14.07 -20.93
N GLN C 75 21.72 12.73 -20.95
CA GLN C 75 20.98 11.86 -21.90
C GLN C 75 19.47 11.97 -21.64
N LEU C 76 19.05 12.04 -20.36
CA LEU C 76 17.62 12.12 -19.96
C LEU C 76 17.06 13.51 -20.28
N LEU C 77 17.75 14.57 -19.87
CA LEU C 77 17.16 15.94 -19.73
C LEU C 77 17.61 16.88 -20.85
N GLY C 78 18.76 16.62 -21.48
CA GLY C 78 19.32 17.47 -22.55
C GLY C 78 19.71 18.84 -22.03
N ASP C 79 19.68 19.87 -22.89
CA ASP C 79 20.00 21.28 -22.49
C ASP C 79 18.74 21.93 -21.92
N GLY C 80 17.58 21.28 -22.04
CA GLY C 80 16.32 21.68 -21.38
C GLY C 80 15.50 22.65 -22.22
N SER C 81 15.99 23.02 -23.40
CA SER C 81 15.36 24.01 -24.32
C SER C 81 14.00 23.50 -24.82
N ASN C 82 13.80 22.17 -24.82
CA ASN C 82 12.48 21.53 -25.09
C ASN C 82 11.44 22.01 -24.07
N TRP C 83 11.86 22.36 -22.85
CA TRP C 83 10.98 22.76 -21.73
C TRP C 83 11.17 24.25 -21.39
N GLY C 84 11.79 25.00 -22.30
CA GLY C 84 12.08 26.44 -22.13
C GLY C 84 13.05 26.70 -20.99
N LEU C 85 13.90 25.72 -20.67
CA LEU C 85 14.94 25.82 -19.62
C LEU C 85 16.32 25.92 -20.25
N ASP C 86 17.30 26.32 -19.45
CA ASP C 86 18.75 26.26 -19.77
C ASP C 86 19.42 25.37 -18.71
N LEU C 87 19.60 24.08 -19.02
CA LEU C 87 20.22 23.08 -18.12
C LEU C 87 21.72 22.99 -18.43
N GLN C 88 22.57 23.16 -17.41
CA GLN C 88 24.02 22.87 -17.46
C GLN C 88 24.31 21.70 -16.50
N TYR C 89 25.49 21.09 -16.65
CA TYR C 89 25.93 19.90 -15.89
C TYR C 89 27.35 20.11 -15.35
N ALA C 90 27.58 19.65 -14.13
CA ALA C 90 28.90 19.64 -13.45
C ALA C 90 29.03 18.34 -12.65
N VAL C 91 30.27 17.90 -12.40
CA VAL C 91 30.59 16.66 -11.65
C VAL C 91 31.10 17.03 -10.26
N GLN C 92 30.85 16.18 -9.25
CA GLN C 92 31.45 16.31 -7.90
C GLN C 92 32.71 15.44 -7.78
N ASP C 96 32.03 14.86 -0.68
CA ASP C 96 32.74 15.54 0.44
C ASP C 96 31.84 16.62 1.10
N GLY C 97 30.53 16.58 0.85
CA GLY C 97 29.54 17.46 1.52
C GLY C 97 28.64 18.21 0.55
N LEU C 98 27.52 18.71 1.06
CA LEU C 98 26.43 19.36 0.28
C LEU C 98 26.83 20.81 -0.06
N ALA C 99 27.56 21.49 0.83
CA ALA C 99 28.05 22.88 0.65
C ALA C 99 29.01 22.97 -0.55
N GLN C 100 29.67 21.85 -0.90
CA GLN C 100 30.63 21.76 -2.03
C GLN C 100 29.96 22.20 -3.35
N ALA C 101 28.62 22.17 -3.42
CA ALA C 101 27.81 22.55 -4.59
C ALA C 101 28.06 24.02 -5.00
N PHE C 102 28.33 24.91 -4.04
CA PHE C 102 28.54 26.36 -4.27
C PHE C 102 29.94 26.61 -4.83
N LEU C 103 30.91 25.76 -4.47
CA LEU C 103 32.30 25.81 -4.99
C LEU C 103 32.30 25.33 -6.44
N ILE C 104 31.63 24.19 -6.71
CA ILE C 104 31.56 23.55 -8.06
C ILE C 104 30.77 24.46 -9.02
N GLY C 105 29.70 25.08 -8.54
CA GLY C 105 28.79 25.92 -9.35
C GLY C 105 29.05 27.40 -9.15
N GLU C 106 30.22 27.77 -8.64
CA GLU C 106 30.61 29.17 -8.32
C GLU C 106 30.49 30.05 -9.58
N SER C 107 31.02 29.59 -10.71
CA SER C 107 31.03 30.35 -11.99
C SER C 107 29.62 30.38 -12.58
N PHE C 108 28.89 29.28 -12.45
CA PHE C 108 27.47 29.17 -12.87
C PHE C 108 26.63 30.22 -12.12
N ILE C 109 26.84 30.35 -10.81
CA ILE C 109 26.09 31.31 -9.93
C ILE C 109 26.47 32.74 -10.29
N GLY C 110 27.77 33.00 -10.52
CA GLY C 110 28.28 34.36 -10.80
C GLY C 110 27.87 35.32 -9.71
N ASN C 111 27.21 36.43 -10.07
CA ASN C 111 26.80 37.49 -9.11
C ASN C 111 25.29 37.38 -8.80
N ASP C 112 24.63 36.29 -9.21
CA ASP C 112 23.15 36.12 -9.14
C ASP C 112 22.74 35.50 -7.79
N LEU C 113 21.48 35.68 -7.42
CA LEU C 113 20.81 34.94 -6.33
C LEU C 113 20.76 33.46 -6.75
N SER C 114 20.76 32.52 -5.81
CA SER C 114 20.76 31.07 -6.11
C SER C 114 19.72 30.33 -5.27
N ALA C 115 19.39 29.10 -5.68
CA ALA C 115 18.54 28.14 -4.95
C ALA C 115 19.13 26.73 -5.10
N LEU C 116 19.19 25.98 -3.99
CA LEU C 116 19.75 24.61 -3.95
C LEU C 116 18.63 23.63 -3.53
N VAL C 117 18.45 22.55 -4.29
CA VAL C 117 17.53 21.43 -3.97
C VAL C 117 18.33 20.13 -3.95
N LEU C 118 17.95 19.18 -3.10
CA LEU C 118 18.56 17.82 -3.03
C LEU C 118 17.73 16.86 -3.91
N GLY C 119 18.42 15.93 -4.57
CA GLY C 119 17.88 15.10 -5.68
C GLY C 119 16.89 14.03 -5.24
N ASP C 120 16.76 13.77 -3.93
CA ASP C 120 15.99 12.64 -3.36
C ASP C 120 14.86 13.14 -2.44
N ASN C 121 14.36 14.35 -2.69
CA ASN C 121 13.25 14.98 -1.92
C ASN C 121 12.08 15.24 -2.87
N LEU C 122 10.86 14.92 -2.42
CA LEU C 122 9.64 15.39 -3.14
C LEU C 122 8.72 16.13 -2.16
N TYR C 123 8.12 17.19 -2.70
CA TYR C 123 7.24 18.15 -2.00
C TYR C 123 5.87 18.12 -2.68
N TYR C 124 4.79 18.25 -1.90
CA TYR C 124 3.40 18.38 -2.39
C TYR C 124 2.58 19.21 -1.40
N GLY C 125 1.81 20.16 -1.91
CA GLY C 125 0.76 20.85 -1.13
C GLY C 125 0.18 22.08 -1.81
N HIS C 126 -0.95 22.55 -1.27
CA HIS C 126 -1.63 23.80 -1.69
C HIS C 126 -0.86 25.01 -1.15
N ASP C 127 -0.63 26.00 -2.02
CA ASP C 127 0.13 27.25 -1.78
C ASP C 127 1.65 27.00 -1.98
N PHE C 128 2.08 25.90 -2.60
CA PHE C 128 3.53 25.58 -2.75
C PHE C 128 4.18 26.57 -3.74
N HIS C 129 3.43 26.98 -4.76
CA HIS C 129 3.85 28.04 -5.73
C HIS C 129 4.11 29.34 -4.94
N GLU C 130 3.23 29.66 -4.00
CA GLU C 130 3.25 30.94 -3.23
C GLU C 130 4.38 30.86 -2.19
N LEU C 131 4.54 29.71 -1.52
CA LEU C 131 5.62 29.50 -0.51
C LEU C 131 6.98 29.72 -1.17
N LEU C 132 7.21 29.10 -2.33
CA LEU C 132 8.46 29.21 -3.12
C LEU C 132 8.63 30.65 -3.64
N GLY C 133 7.58 31.21 -4.27
CA GLY C 133 7.52 32.59 -4.76
C GLY C 133 8.04 33.58 -3.72
N SER C 134 7.47 33.55 -2.51
CA SER C 134 7.84 34.45 -1.37
C SER C 134 9.35 34.34 -1.08
N ALA C 135 9.86 33.13 -0.90
CA ALA C 135 11.29 32.84 -0.62
C ALA C 135 12.18 33.37 -1.77
N SER C 136 11.81 33.05 -3.02
CA SER C 136 12.60 33.37 -4.24
C SER C 136 12.62 34.88 -4.50
N GLN C 137 11.71 35.64 -3.89
CA GLN C 137 11.49 37.08 -4.16
C GLN C 137 12.22 37.95 -3.13
N ARG C 138 12.61 37.41 -1.97
CA ARG C 138 13.60 38.08 -1.08
C ARG C 138 14.89 38.30 -1.88
N GLN C 139 15.47 39.49 -1.81
CA GLN C 139 16.69 39.86 -2.57
C GLN C 139 17.90 39.91 -1.63
N THR C 140 17.73 39.49 -0.36
CA THR C 140 18.81 39.51 0.67
C THR C 140 18.67 38.28 1.59
N GLY C 141 19.79 37.86 2.18
CA GLY C 141 19.88 36.74 3.13
C GLY C 141 19.53 35.41 2.51
N ALA C 142 19.12 34.46 3.35
CA ALA C 142 18.82 33.06 2.99
C ALA C 142 17.43 32.69 3.53
N SER C 143 16.71 31.85 2.78
CA SER C 143 15.41 31.24 3.20
C SER C 143 15.53 29.71 3.21
N VAL C 144 15.13 29.09 4.31
CA VAL C 144 14.97 27.62 4.47
C VAL C 144 13.58 27.33 5.04
N PHE C 145 13.19 26.05 5.05
CA PHE C 145 11.86 25.54 5.48
C PHE C 145 12.06 24.50 6.58
N ALA C 146 11.32 24.66 7.69
CA ALA C 146 11.28 23.73 8.84
C ALA C 146 9.99 22.92 8.77
N TYR C 147 10.11 21.59 8.91
CA TYR C 147 8.98 20.63 8.78
C TYR C 147 9.04 19.67 9.97
N HIS C 148 7.91 19.50 10.67
CA HIS C 148 7.79 18.56 11.80
C HIS C 148 7.92 17.12 11.27
N VAL C 149 8.91 16.38 11.77
CA VAL C 149 9.16 14.95 11.41
C VAL C 149 9.23 14.12 12.69
N LEU C 150 9.03 12.80 12.56
CA LEU C 150 9.21 11.82 13.66
C LEU C 150 10.70 11.62 13.95
N ASP C 151 11.56 11.85 12.94
CA ASP C 151 12.97 11.36 12.87
C ASP C 151 13.94 12.54 12.71
N PRO C 152 13.88 13.60 13.54
CA PRO C 152 14.69 14.80 13.32
C PRO C 152 16.22 14.59 13.28
N GLU C 153 16.72 13.59 13.99
CA GLU C 153 18.17 13.26 14.11
C GLU C 153 18.78 13.03 12.72
N ARG C 154 17.95 12.69 11.72
CA ARG C 154 18.41 12.33 10.34
C ARG C 154 18.72 13.59 9.51
N TYR C 155 18.43 14.79 10.03
CA TYR C 155 18.46 16.06 9.27
C TYR C 155 19.15 17.17 10.06
N GLY C 156 19.28 18.33 9.42
CA GLY C 156 19.46 19.62 10.10
C GLY C 156 18.23 19.94 10.94
N VAL C 157 18.42 20.19 12.23
CA VAL C 157 17.34 20.50 13.21
C VAL C 157 17.43 21.97 13.56
N VAL C 158 16.28 22.65 13.54
CA VAL C 158 16.15 24.09 13.87
C VAL C 158 15.39 24.20 15.19
N GLU C 159 15.99 24.90 16.16
CA GLU C 159 15.39 25.16 17.50
C GLU C 159 14.69 26.52 17.45
N PHE C 160 13.51 26.60 18.05
CA PHE C 160 12.69 27.83 18.17
C PHE C 160 12.58 28.20 19.66
N ASP C 161 12.52 29.50 19.96
CA ASP C 161 12.29 30.03 21.33
C ASP C 161 10.77 30.15 21.55
N GLN C 162 10.35 30.52 22.75
CA GLN C 162 8.92 30.62 23.17
C GLN C 162 8.11 31.45 22.15
N GLY C 163 8.75 32.44 21.50
CA GLY C 163 8.10 33.37 20.55
C GLY C 163 8.21 32.90 19.11
N GLY C 164 8.66 31.66 18.88
CA GLY C 164 8.70 31.04 17.54
C GLY C 164 9.86 31.56 16.69
N LYS C 165 10.87 32.20 17.30
CA LYS C 165 12.07 32.69 16.58
C LYS C 165 13.13 31.58 16.55
N ALA C 166 13.77 31.36 15.39
CA ALA C 166 14.84 30.35 15.20
C ALA C 166 16.10 30.81 15.92
N ILE C 167 16.64 29.99 16.82
CA ILE C 167 17.78 30.39 17.71
C ILE C 167 19.00 29.49 17.53
N SER C 168 18.90 28.34 16.83
CA SER C 168 20.05 27.40 16.64
C SER C 168 19.77 26.37 15.55
N LEU C 169 20.84 25.92 14.86
CA LEU C 169 20.86 24.80 13.89
C LEU C 169 21.91 23.78 14.32
N GLU C 170 21.59 22.49 14.25
CA GLU C 170 22.51 21.36 14.56
C GLU C 170 22.39 20.31 13.45
N GLU C 171 23.51 19.87 12.86
CA GLU C 171 23.55 18.83 11.80
C GLU C 171 23.46 17.46 12.46
N LYS C 172 22.36 16.73 12.22
CA LYS C 172 22.11 15.36 12.70
C LYS C 172 22.46 15.26 14.19
N PRO C 173 21.77 16.00 15.08
CA PRO C 173 22.08 15.95 16.50
C PRO C 173 21.66 14.62 17.14
N LEU C 174 22.43 14.17 18.14
CA LEU C 174 22.13 12.94 18.93
C LEU C 174 20.92 13.22 19.83
N GLU C 175 20.82 14.43 20.37
CA GLU C 175 19.67 14.91 21.19
C GLU C 175 19.05 16.12 20.49
N PRO C 176 18.10 15.93 19.56
CA PRO C 176 17.50 17.05 18.82
C PRO C 176 16.82 18.05 19.76
N LYS C 177 16.96 19.34 19.51
CA LYS C 177 16.36 20.43 20.32
C LYS C 177 14.86 20.55 20.00
N SER C 178 14.44 20.09 18.80
CA SER C 178 13.03 20.08 18.34
C SER C 178 12.81 18.92 17.35
N ASN C 179 11.57 18.77 16.89
CA ASN C 179 11.16 17.80 15.83
C ASN C 179 11.17 18.49 14.45
N TYR C 180 11.65 19.74 14.36
CA TYR C 180 11.61 20.54 13.11
C TYR C 180 12.92 20.34 12.35
N ALA C 181 12.83 19.58 11.27
CA ALA C 181 13.92 19.28 10.32
C ALA C 181 13.94 20.35 9.24
N VAL C 182 15.13 20.80 8.85
CA VAL C 182 15.34 21.72 7.69
C VAL C 182 15.24 20.86 6.43
N THR C 183 14.35 21.24 5.49
CA THR C 183 14.09 20.46 4.24
C THR C 183 15.26 20.67 3.28
N GLY C 184 15.32 19.87 2.21
CA GLY C 184 16.40 19.92 1.20
C GLY C 184 16.19 21.03 0.19
N LEU C 185 15.72 22.19 0.64
CA LEU C 185 15.30 23.31 -0.24
C LEU C 185 15.80 24.62 0.37
N TYR C 186 16.67 25.33 -0.34
CA TYR C 186 17.49 26.45 0.20
C TYR C 186 17.53 27.61 -0.82
N PHE C 187 17.27 28.83 -0.36
CA PHE C 187 17.31 30.08 -1.16
C PHE C 187 18.40 30.99 -0.59
N TYR C 188 19.35 31.39 -1.44
CA TYR C 188 20.57 32.13 -1.03
C TYR C 188 20.74 33.40 -1.88
N ASP C 189 21.27 34.45 -1.25
CA ASP C 189 21.68 35.71 -1.91
C ASP C 189 23.15 35.56 -2.39
N GLN C 190 23.78 36.66 -2.77
CA GLN C 190 25.15 36.71 -3.36
C GLN C 190 26.22 36.30 -2.34
N GLN C 191 25.90 36.22 -1.05
CA GLN C 191 26.88 35.94 0.03
C GLN C 191 27.33 34.47 0.04
N VAL C 192 26.55 33.53 -0.49
CA VAL C 192 26.66 32.07 -0.16
C VAL C 192 28.01 31.51 -0.62
N VAL C 193 28.45 31.84 -1.83
CA VAL C 193 29.73 31.36 -2.44
C VAL C 193 30.89 31.66 -1.47
N ASP C 194 30.99 32.90 -0.98
CA ASP C 194 32.08 33.36 -0.08
C ASP C 194 31.94 32.71 1.31
N ILE C 195 30.72 32.49 1.80
CA ILE C 195 30.49 31.78 3.09
C ILE C 195 30.98 30.33 2.95
N ALA C 196 30.63 29.68 1.83
CA ALA C 196 31.02 28.28 1.52
C ALA C 196 32.54 28.18 1.39
N ARG C 197 33.17 29.17 0.73
CA ARG C 197 34.64 29.25 0.52
C ARG C 197 35.39 29.17 1.85
N ASP C 198 34.85 29.76 2.93
CA ASP C 198 35.53 29.92 4.25
C ASP C 198 35.17 28.76 5.20
N LEU C 199 34.52 27.70 4.72
CA LEU C 199 34.46 26.33 5.32
C LEU C 199 35.37 26.23 6.55
N LEU C 207 32.06 19.45 4.55
CA LEU C 207 31.47 20.80 4.24
C LEU C 207 29.94 20.71 4.34
N GLU C 208 29.37 21.11 5.48
CA GLU C 208 27.93 20.92 5.82
C GLU C 208 27.14 22.14 5.35
N ILE C 209 25.99 21.92 4.71
CA ILE C 209 25.02 22.99 4.33
C ILE C 209 24.56 23.70 5.60
N THR C 210 24.50 22.98 6.73
CA THR C 210 24.05 23.48 8.06
C THR C 210 25.00 24.59 8.54
N ASP C 211 26.30 24.49 8.24
CA ASP C 211 27.31 25.53 8.62
C ASP C 211 27.04 26.80 7.81
N VAL C 212 26.76 26.65 6.50
CA VAL C 212 26.37 27.76 5.58
C VAL C 212 25.16 28.48 6.18
N ASN C 213 24.11 27.71 6.53
CA ASN C 213 22.83 28.25 7.06
C ASN C 213 23.08 28.90 8.41
N ARG C 214 23.95 28.34 9.25
CA ARG C 214 24.27 28.90 10.59
C ARG C 214 24.99 30.25 10.42
N ALA C 215 25.84 30.39 9.40
CA ALA C 215 26.57 31.63 9.08
C ALA C 215 25.57 32.75 8.79
N TYR C 216 24.49 32.46 8.05
CA TYR C 216 23.39 33.41 7.80
C TYR C 216 22.64 33.71 9.10
N LEU C 217 22.32 32.68 9.88
CA LEU C 217 21.60 32.79 11.18
C LEU C 217 22.39 33.71 12.12
N GLU C 218 23.71 33.52 12.18
CA GLU C 218 24.63 34.31 13.05
C GLU C 218 24.66 35.77 12.59
N ARG C 219 24.38 36.06 11.32
CA ARG C 219 24.31 37.43 10.74
C ARG C 219 22.88 37.99 10.84
N GLY C 220 21.93 37.20 11.33
CA GLY C 220 20.51 37.61 11.42
C GLY C 220 19.88 37.74 10.05
N GLN C 221 20.35 36.95 9.07
CA GLN C 221 19.90 37.01 7.66
C GLN C 221 19.36 35.63 7.24
N LEU C 222 18.88 34.82 8.18
CA LEU C 222 18.24 33.52 7.88
C LEU C 222 16.73 33.64 8.14
N SER C 223 15.92 33.50 7.09
CA SER C 223 14.45 33.35 7.17
C SER C 223 14.11 31.85 7.22
N VAL C 224 13.55 31.38 8.34
CA VAL C 224 13.08 29.98 8.53
C VAL C 224 11.55 29.99 8.51
N GLU C 225 10.96 29.65 7.37
CA GLU C 225 9.48 29.55 7.19
C GLU C 225 9.04 28.14 7.62
N ILE C 226 7.94 28.02 8.36
CA ILE C 226 7.31 26.71 8.65
C ILE C 226 6.67 26.18 7.37
N MET C 227 7.03 24.95 6.98
CA MET C 227 6.25 24.13 6.00
C MET C 227 5.22 23.34 6.83
N GLY C 228 3.97 23.77 6.79
CA GLY C 228 2.86 23.20 7.60
C GLY C 228 2.65 21.73 7.34
N ARG C 229 2.06 21.04 8.32
CA ARG C 229 1.75 19.58 8.28
C ARG C 229 0.81 19.26 7.09
N GLY C 230 0.15 20.27 6.53
CA GLY C 230 -0.74 20.14 5.36
C GLY C 230 0.04 19.93 4.07
N TYR C 231 1.33 20.24 4.06
CA TYR C 231 2.28 19.88 2.98
C TYR C 231 2.87 18.50 3.26
N ALA C 232 3.12 17.71 2.19
CA ALA C 232 3.87 16.45 2.28
C ALA C 232 5.31 16.70 1.81
N TRP C 233 6.29 16.47 2.69
CA TRP C 233 7.74 16.39 2.37
C TRP C 233 8.19 14.96 2.64
N LEU C 234 8.42 14.17 1.59
CA LEU C 234 8.74 12.72 1.70
C LEU C 234 10.20 12.47 1.31
N ASP C 235 10.85 11.56 2.05
CA ASP C 235 12.16 10.96 1.71
C ASP C 235 11.93 9.93 0.61
N THR C 236 12.81 9.89 -0.40
CA THR C 236 12.80 8.86 -1.48
C THR C 236 14.17 8.16 -1.48
N GLY C 237 14.82 8.12 -0.31
CA GLY C 237 16.26 7.83 -0.16
C GLY C 237 16.54 6.39 0.22
N THR C 238 15.54 5.66 0.73
CA THR C 238 15.65 4.23 1.12
C THR C 238 14.66 3.40 0.30
N HIS C 239 14.79 2.07 0.37
CA HIS C 239 13.89 1.11 -0.31
C HIS C 239 12.44 1.32 0.16
N ASP C 240 12.25 1.49 1.47
CA ASP C 240 10.92 1.65 2.12
C ASP C 240 10.29 2.98 1.71
N SER C 241 11.02 4.08 1.83
CA SER C 241 10.47 5.44 1.57
C SER C 241 10.21 5.63 0.07
N LEU C 242 11.06 5.10 -0.81
CA LEU C 242 10.86 5.17 -2.29
C LEU C 242 9.52 4.50 -2.64
N LEU C 243 9.21 3.40 -1.96
CA LEU C 243 7.97 2.62 -2.14
C LEU C 243 6.78 3.45 -1.65
N GLU C 244 6.88 4.02 -0.45
CA GLU C 244 5.85 4.87 0.19
C GLU C 244 5.57 6.08 -0.70
N ALA C 245 6.62 6.77 -1.16
CA ALA C 245 6.52 7.95 -2.05
C ALA C 245 5.78 7.55 -3.34
N GLY C 246 6.11 6.38 -3.91
CA GLY C 246 5.45 5.85 -5.11
C GLY C 246 3.95 5.68 -4.91
N GLN C 247 3.55 5.04 -3.80
CA GLN C 247 2.14 4.77 -3.44
CA GLN C 247 2.13 4.77 -3.45
C GLN C 247 1.41 6.11 -3.22
N PHE C 248 2.11 7.08 -2.64
CA PHE C 248 1.59 8.43 -2.31
C PHE C 248 1.22 9.20 -3.60
N ILE C 249 2.14 9.24 -4.55
CA ILE C 249 1.95 9.93 -5.85
C ILE C 249 0.86 9.20 -6.66
N ALA C 250 0.87 7.87 -6.67
CA ALA C 250 -0.09 7.07 -7.47
C ALA C 250 -1.52 7.38 -6.99
N THR C 251 -1.73 7.45 -5.68
CA THR C 251 -3.04 7.69 -5.02
C THR C 251 -3.58 9.06 -5.45
N LEU C 252 -2.76 10.11 -5.35
CA LEU C 252 -3.13 11.49 -5.77
C LEU C 252 -3.44 11.50 -7.28
N GLU C 253 -2.53 10.98 -8.10
CA GLU C 253 -2.63 11.06 -9.58
C GLU C 253 -3.85 10.29 -10.10
N ASN C 254 -4.10 9.08 -9.61
CA ASN C 254 -5.23 8.24 -10.07
C ASN C 254 -6.55 8.81 -9.53
N ARG C 255 -6.52 9.55 -8.43
CA ARG C 255 -7.72 10.24 -7.87
C ARG C 255 -8.06 11.46 -8.71
N GLN C 256 -7.06 12.30 -9.03
CA GLN C 256 -7.25 13.64 -9.62
C GLN C 256 -7.36 13.57 -11.15
N GLY C 257 -6.69 12.59 -11.77
CA GLY C 257 -6.42 12.62 -13.22
C GLY C 257 -5.46 13.75 -13.57
N LEU C 258 -4.68 14.22 -12.60
CA LEU C 258 -3.58 15.19 -12.80
C LEU C 258 -2.27 14.56 -12.33
N LYS C 259 -1.15 15.00 -12.88
CA LYS C 259 0.20 14.49 -12.52
C LYS C 259 0.83 15.45 -11.52
N VAL C 260 1.65 14.93 -10.61
CA VAL C 260 2.51 15.72 -9.71
C VAL C 260 3.90 15.81 -10.34
N ALA C 261 4.44 17.03 -10.45
CA ALA C 261 5.84 17.31 -10.83
C ALA C 261 6.10 16.75 -12.24
N CYS C 262 5.21 17.04 -13.18
CA CYS C 262 5.41 16.86 -14.64
C CYS C 262 6.03 18.13 -15.21
N PRO C 263 7.34 18.14 -15.58
CA PRO C 263 8.02 19.36 -16.01
C PRO C 263 7.41 20.07 -17.23
N GLU C 264 6.85 19.31 -18.19
CA GLU C 264 6.29 19.85 -19.44
C GLU C 264 5.04 20.68 -19.11
N GLU C 265 4.22 20.18 -18.17
CA GLU C 265 3.03 20.89 -17.64
C GLU C 265 3.47 22.23 -17.01
N ILE C 266 4.42 22.20 -16.10
CA ILE C 266 4.85 23.41 -15.35
C ILE C 266 5.39 24.44 -16.34
N ALA C 267 6.23 24.00 -17.28
CA ALA C 267 6.79 24.85 -18.36
C ALA C 267 5.66 25.55 -19.10
N TYR C 268 4.64 24.78 -19.50
CA TYR C 268 3.47 25.26 -20.28
C TYR C 268 2.69 26.31 -19.48
N ARG C 269 2.52 26.06 -18.17
CA ARG C 269 1.69 26.92 -17.29
C ARG C 269 2.46 28.19 -16.93
N GLN C 270 3.79 28.15 -16.92
CA GLN C 270 4.67 29.33 -16.74
C GLN C 270 4.74 30.12 -18.07
N LYS C 271 4.23 29.54 -19.16
CA LYS C 271 4.26 30.11 -20.53
C LYS C 271 5.71 30.21 -21.01
N TRP C 272 6.57 29.27 -20.61
CA TRP C 272 7.96 29.11 -21.10
C TRP C 272 7.95 28.32 -22.42
N ILE C 273 6.91 27.52 -22.65
CA ILE C 273 6.64 26.84 -23.95
C ILE C 273 5.18 27.11 -24.31
N ASP C 274 4.89 27.22 -25.62
CA ASP C 274 3.54 27.50 -26.16
C ASP C 274 2.86 26.16 -26.49
N ALA C 275 1.58 26.20 -26.88
CA ALA C 275 0.75 25.02 -27.19
C ALA C 275 1.39 24.20 -28.31
N ALA C 276 1.97 24.87 -29.30
CA ALA C 276 2.65 24.25 -30.46
C ALA C 276 3.80 23.34 -29.99
N GLN C 277 4.61 23.84 -29.04
CA GLN C 277 5.78 23.12 -28.49
C GLN C 277 5.30 21.91 -27.66
N LEU C 278 4.23 22.07 -26.88
CA LEU C 278 3.65 20.98 -26.05
C LEU C 278 3.14 19.87 -26.97
N GLU C 279 2.43 20.24 -28.03
CA GLU C 279 1.93 19.34 -29.11
C GLU C 279 3.08 18.47 -29.65
N LYS C 280 4.21 19.09 -30.00
CA LYS C 280 5.41 18.39 -30.53
C LYS C 280 5.92 17.40 -29.47
N LEU C 281 6.08 17.85 -28.23
CA LEU C 281 6.56 17.01 -27.09
C LEU C 281 5.56 15.87 -26.83
N GLY C 289 0.36 7.12 -22.16
CA GLY C 289 -0.32 7.71 -20.99
C GLY C 289 0.23 9.09 -20.65
N TYR C 290 1.56 9.26 -20.76
CA TYR C 290 2.29 10.53 -20.52
C TYR C 290 2.07 11.48 -21.71
N GLY C 291 2.25 10.99 -22.95
CA GLY C 291 1.89 11.71 -24.18
C GLY C 291 0.42 12.10 -24.21
N GLN C 292 -0.48 11.15 -23.91
CA GLN C 292 -1.94 11.38 -23.82
C GLN C 292 -2.23 12.51 -22.82
N TYR C 293 -1.55 12.49 -21.67
CA TYR C 293 -1.72 13.50 -20.59
C TYR C 293 -1.37 14.91 -21.10
N LEU C 294 -0.25 15.04 -21.81
CA LEU C 294 0.23 16.34 -22.33
C LEU C 294 -0.78 16.90 -23.35
N LYS C 295 -1.37 16.02 -24.18
CA LYS C 295 -2.40 16.40 -25.18
C LYS C 295 -3.62 16.96 -24.44
N ARG C 296 -4.04 16.30 -23.34
CA ARG C 296 -5.21 16.68 -22.51
C ARG C 296 -5.01 18.09 -21.93
N LEU C 297 -3.76 18.48 -21.62
CA LEU C 297 -3.42 19.79 -21.00
C LEU C 297 -3.76 20.96 -21.95
N LEU C 298 -3.80 20.72 -23.26
CA LEU C 298 -4.07 21.76 -24.30
C LEU C 298 -5.58 22.05 -24.38
N THR C 299 -6.41 21.07 -24.02
CA THR C 299 -7.88 21.06 -24.27
C THR C 299 -8.66 21.01 -22.96
N GLU C 300 -8.12 21.56 -21.87
CA GLU C 300 -8.79 21.56 -20.54
C GLU C 300 -8.32 22.74 -19.69
N THR C 301 -9.25 23.45 -19.05
CA THR C 301 -8.96 24.44 -17.99
C THR C 301 -8.81 23.70 -16.66
N VAL C 302 -7.63 23.83 -16.03
CA VAL C 302 -7.31 23.29 -14.68
C VAL C 302 -6.95 24.47 -13.78
N TYR C 303 -7.70 24.64 -12.69
CA TYR C 303 -7.53 25.73 -11.71
C TYR C 303 -6.47 25.34 -10.68
N ARG D 13 20.84 -28.45 -18.81
CA ARG D 13 19.82 -27.51 -19.35
C ARG D 13 20.37 -26.07 -19.28
N LYS D 14 20.30 -25.35 -20.40
CA LYS D 14 20.80 -23.94 -20.51
C LYS D 14 19.60 -23.00 -20.41
N GLY D 15 19.81 -21.82 -19.81
CA GLY D 15 18.76 -20.81 -19.56
C GLY D 15 18.90 -19.61 -20.46
N ILE D 16 17.78 -19.00 -20.85
CA ILE D 16 17.71 -17.69 -21.57
C ILE D 16 16.76 -16.76 -20.82
N ILE D 17 17.23 -15.57 -20.43
CA ILE D 17 16.38 -14.44 -19.96
C ILE D 17 16.24 -13.44 -21.11
N LEU D 18 15.01 -13.22 -21.60
CA LEU D 18 14.69 -12.18 -22.61
C LEU D 18 14.18 -10.93 -21.89
N ALA D 19 14.99 -9.87 -21.90
CA ALA D 19 14.66 -8.53 -21.34
C ALA D 19 14.56 -7.52 -22.49
N GLY D 20 13.35 -7.30 -23.02
CA GLY D 20 13.09 -6.53 -24.24
C GLY D 20 12.65 -5.10 -23.95
N SER D 34 16.28 0.94 -18.45
CA SER D 34 15.34 -0.11 -18.94
C SER D 34 14.64 -0.80 -17.77
N LYS D 35 13.54 -1.48 -18.07
CA LYS D 35 12.50 -1.94 -17.10
C LYS D 35 13.08 -3.01 -16.18
N GLN D 36 13.85 -3.96 -16.71
CA GLN D 36 14.35 -5.15 -15.96
C GLN D 36 15.57 -4.76 -15.10
N LEU D 37 16.05 -3.53 -15.24
CA LEU D 37 17.13 -2.94 -14.38
C LEU D 37 16.51 -2.14 -13.22
N LEU D 38 15.21 -1.80 -13.30
CA LEU D 38 14.47 -1.12 -12.21
C LEU D 38 14.40 -2.07 -11.02
N PRO D 39 14.48 -1.55 -9.78
CA PRO D 39 14.33 -2.40 -8.60
C PRO D 39 12.87 -2.75 -8.31
N VAL D 40 12.63 -4.00 -7.91
CA VAL D 40 11.39 -4.42 -7.20
C VAL D 40 11.74 -4.40 -5.71
N TYR D 41 11.37 -3.32 -5.04
CA TYR D 41 11.68 -3.02 -3.61
C TYR D 41 13.19 -2.89 -3.40
N ASP D 42 13.93 -4.00 -3.24
CA ASP D 42 15.29 -3.98 -2.64
C ASP D 42 16.37 -4.55 -3.57
N LYS D 43 16.02 -4.94 -4.81
CA LYS D 43 16.99 -5.53 -5.76
C LYS D 43 16.49 -5.32 -7.19
N PRO D 44 17.40 -5.35 -8.19
CA PRO D 44 17.01 -5.19 -9.59
C PRO D 44 16.05 -6.29 -10.05
N MET D 45 15.08 -5.93 -10.90
CA MET D 45 14.00 -6.83 -11.38
C MET D 45 14.60 -8.11 -11.98
N ILE D 46 15.74 -8.01 -12.68
CA ILE D 46 16.41 -9.15 -13.37
C ILE D 46 16.77 -10.25 -12.35
N TYR D 47 16.96 -9.89 -11.07
CA TYR D 47 17.35 -10.83 -9.98
C TYR D 47 16.28 -11.91 -9.77
N TYR D 48 15.02 -11.61 -10.06
CA TYR D 48 13.86 -12.54 -9.90
C TYR D 48 13.90 -13.63 -10.97
N PRO D 49 13.87 -13.33 -12.28
CA PRO D 49 14.00 -14.36 -13.31
C PRO D 49 15.35 -15.09 -13.25
N LEU D 50 16.41 -14.37 -12.89
CA LEU D 50 17.77 -14.97 -12.72
C LEU D 50 17.69 -16.03 -11.62
N SER D 51 17.13 -15.67 -10.46
CA SER D 51 16.98 -16.55 -9.27
C SER D 51 16.10 -17.76 -9.62
N THR D 52 15.10 -17.57 -10.47
CA THR D 52 14.15 -18.62 -10.91
C THR D 52 14.91 -19.69 -11.71
N LEU D 53 15.70 -19.29 -12.71
CA LEU D 53 16.55 -20.22 -13.50
C LEU D 53 17.55 -20.91 -12.56
N MET D 54 18.13 -20.17 -11.61
CA MET D 54 19.10 -20.73 -10.63
C MET D 54 18.40 -21.79 -9.76
N LEU D 55 17.19 -21.51 -9.28
CA LEU D 55 16.41 -22.45 -8.41
C LEU D 55 16.13 -23.73 -9.20
N ALA D 56 15.98 -23.65 -10.52
CA ALA D 56 15.72 -24.80 -11.42
C ALA D 56 17.03 -25.56 -11.70
N GLY D 57 18.16 -25.10 -11.15
CA GLY D 57 19.47 -25.78 -11.24
C GLY D 57 20.26 -25.37 -12.47
N ILE D 58 19.82 -24.33 -13.19
CA ILE D 58 20.47 -23.82 -14.44
C ILE D 58 21.56 -22.83 -14.05
N ARG D 59 22.79 -23.06 -14.54
CA ARG D 59 24.01 -22.27 -14.21
C ARG D 59 24.52 -21.51 -15.44
N GLU D 60 24.27 -22.03 -16.65
CA GLU D 60 24.68 -21.39 -17.93
C GLU D 60 23.48 -20.65 -18.50
N ILE D 61 23.52 -19.31 -18.50
CA ILE D 61 22.35 -18.43 -18.80
C ILE D 61 22.77 -17.37 -19.82
N LEU D 62 21.99 -17.22 -20.89
CA LEU D 62 22.15 -16.16 -21.91
C LEU D 62 21.12 -15.05 -21.62
N ILE D 63 21.59 -13.82 -21.44
CA ILE D 63 20.72 -12.63 -21.27
C ILE D 63 20.67 -11.88 -22.60
N ILE D 64 19.52 -11.94 -23.26
CA ILE D 64 19.20 -11.22 -24.52
C ILE D 64 18.47 -9.93 -24.15
N SER D 65 18.96 -8.79 -24.65
CA SER D 65 18.31 -7.45 -24.51
C SER D 65 18.64 -6.58 -25.73
N THR D 66 18.24 -5.30 -25.67
CA THR D 66 18.45 -4.28 -26.72
C THR D 66 19.94 -3.93 -26.80
N PRO D 67 20.44 -3.37 -27.92
CA PRO D 67 21.85 -2.96 -28.02
C PRO D 67 22.26 -2.00 -26.88
N GLN D 68 21.31 -1.21 -26.38
CA GLN D 68 21.52 -0.13 -25.39
C GLN D 68 21.61 -0.74 -23.99
N ASP D 69 20.78 -1.77 -23.71
CA ASP D 69 20.60 -2.33 -22.33
C ASP D 69 21.59 -3.48 -22.07
N THR D 70 22.04 -4.19 -23.10
CA THR D 70 22.97 -5.35 -22.99
C THR D 70 24.20 -4.95 -22.18
N PRO D 71 24.90 -3.83 -22.51
CA PRO D 71 26.05 -3.38 -21.74
C PRO D 71 25.77 -3.14 -20.24
N ARG D 72 24.57 -2.66 -19.91
CA ARG D 72 24.17 -2.30 -18.52
C ARG D 72 23.99 -3.58 -17.68
N PHE D 73 23.45 -4.64 -18.28
CA PHE D 73 23.33 -5.98 -17.64
C PHE D 73 24.73 -6.56 -17.42
N GLN D 74 25.60 -6.49 -18.44
CA GLN D 74 27.03 -6.90 -18.37
C GLN D 74 27.69 -6.19 -17.17
N GLN D 75 27.46 -4.89 -17.03
CA GLN D 75 28.03 -4.06 -15.93
C GLN D 75 27.47 -4.50 -14.58
N LEU D 76 26.19 -4.84 -14.51
CA LEU D 76 25.50 -5.26 -13.26
C LEU D 76 25.95 -6.67 -12.86
N LEU D 77 25.93 -7.63 -13.79
CA LEU D 77 25.93 -9.08 -13.47
C LEU D 77 27.29 -9.72 -13.77
N GLY D 78 28.09 -9.14 -14.66
CA GLY D 78 29.41 -9.68 -15.06
C GLY D 78 29.26 -11.01 -15.78
N ASP D 79 30.28 -11.88 -15.70
CA ASP D 79 30.26 -13.24 -16.32
C ASP D 79 29.55 -14.21 -15.36
N GLY D 80 29.29 -13.78 -14.12
CA GLY D 80 28.46 -14.51 -13.14
C GLY D 80 29.26 -15.50 -12.30
N SER D 81 30.57 -15.58 -12.52
CA SER D 81 31.50 -16.52 -11.84
C SER D 81 31.57 -16.22 -10.34
N ASN D 82 31.27 -14.98 -9.94
CA ASN D 82 31.11 -14.57 -8.51
C ASN D 82 29.99 -15.38 -7.86
N TRP D 83 28.98 -15.82 -8.63
CA TRP D 83 27.80 -16.56 -8.13
C TRP D 83 27.81 -18.01 -8.62
N GLY D 84 28.96 -18.50 -9.11
CA GLY D 84 29.14 -19.85 -9.64
C GLY D 84 28.33 -20.08 -10.91
N LEU D 85 28.04 -19.01 -11.65
CA LEU D 85 27.28 -19.08 -12.92
C LEU D 85 28.22 -18.81 -14.10
N ASP D 86 27.78 -19.15 -15.31
CA ASP D 86 28.38 -18.74 -16.60
C ASP D 86 27.33 -17.90 -17.35
N LEU D 87 27.41 -16.58 -17.25
CA LEU D 87 26.48 -15.64 -17.91
C LEU D 87 27.08 -15.18 -19.24
N GLN D 88 26.35 -15.35 -20.34
CA GLN D 88 26.67 -14.78 -21.67
C GLN D 88 25.60 -13.74 -22.01
N TYR D 89 25.89 -12.89 -23.00
CA TYR D 89 25.03 -11.76 -23.44
C TYR D 89 24.89 -11.77 -24.96
N ALA D 90 23.69 -11.47 -25.45
CA ALA D 90 23.36 -11.30 -26.88
C ALA D 90 22.39 -10.14 -27.00
N VAL D 91 22.34 -9.52 -28.17
CA VAL D 91 21.45 -8.37 -28.49
C VAL D 91 20.32 -8.87 -29.42
N GLN D 92 19.12 -8.27 -29.31
CA GLN D 92 18.00 -8.49 -30.24
C GLN D 92 17.99 -7.41 -31.32
N GLY D 97 9.53 -10.48 -32.03
CA GLY D 97 8.81 -11.55 -31.33
C GLY D 97 9.67 -12.24 -30.27
N LEU D 98 9.04 -12.99 -29.37
CA LEU D 98 9.68 -13.67 -28.20
C LEU D 98 10.36 -14.96 -28.65
N ALA D 99 9.82 -15.64 -29.66
CA ALA D 99 10.38 -16.89 -30.25
C ALA D 99 11.76 -16.62 -30.86
N GLN D 100 12.04 -15.37 -31.28
CA GLN D 100 13.33 -14.92 -31.87
C GLN D 100 14.51 -15.25 -30.93
N ALA D 101 14.25 -15.48 -29.64
CA ALA D 101 15.26 -15.81 -28.60
C ALA D 101 16.01 -17.11 -28.96
N PHE D 102 15.33 -18.07 -29.59
CA PHE D 102 15.90 -19.40 -29.94
C PHE D 102 16.79 -19.28 -31.18
N LEU D 103 16.49 -18.32 -32.07
CA LEU D 103 17.32 -18.01 -33.26
C LEU D 103 18.61 -17.32 -32.81
N ILE D 104 18.49 -16.31 -31.94
CA ILE D 104 19.62 -15.48 -31.41
C ILE D 104 20.55 -16.37 -30.56
N GLY D 105 19.97 -17.25 -29.74
CA GLY D 105 20.70 -18.10 -28.80
C GLY D 105 20.86 -19.53 -29.32
N GLU D 106 20.72 -19.73 -30.63
CA GLU D 106 20.79 -21.08 -31.29
C GLU D 106 22.13 -21.75 -30.97
N SER D 107 23.25 -21.03 -31.12
CA SER D 107 24.61 -21.57 -30.90
C SER D 107 24.85 -21.78 -29.41
N PHE D 108 24.33 -20.87 -28.57
CA PHE D 108 24.39 -20.97 -27.09
C PHE D 108 23.68 -22.26 -26.63
N ILE D 109 22.52 -22.55 -27.21
CA ILE D 109 21.69 -23.75 -26.85
C ILE D 109 22.41 -25.02 -27.34
N GLY D 110 22.97 -24.99 -28.55
CA GLY D 110 23.61 -26.16 -29.18
C GLY D 110 22.67 -27.34 -29.20
N ASN D 111 23.08 -28.49 -28.65
CA ASN D 111 22.29 -29.75 -28.64
C ASN D 111 21.65 -29.99 -27.27
N ASP D 112 21.68 -28.99 -26.38
CA ASP D 112 21.23 -29.13 -24.97
C ASP D 112 19.74 -28.83 -24.84
N LEU D 113 19.14 -29.31 -23.74
CA LEU D 113 17.79 -28.88 -23.27
C LEU D 113 17.89 -27.39 -22.92
N SER D 114 16.80 -26.63 -23.03
CA SER D 114 16.79 -25.17 -22.75
C SER D 114 15.59 -24.79 -21.87
N ALA D 115 15.67 -23.59 -21.28
CA ALA D 115 14.59 -22.93 -20.50
C ALA D 115 14.58 -21.44 -20.83
N LEU D 116 13.39 -20.87 -21.06
CA LEU D 116 13.19 -19.44 -21.39
C LEU D 116 12.35 -18.79 -20.30
N VAL D 117 12.82 -17.64 -19.78
CA VAL D 117 12.07 -16.79 -18.80
C VAL D 117 11.98 -15.38 -19.39
N LEU D 118 10.89 -14.66 -19.10
CA LEU D 118 10.70 -13.24 -19.47
C LEU D 118 11.16 -12.34 -18.31
N GLY D 119 11.77 -11.20 -18.65
CA GLY D 119 12.55 -10.34 -17.72
C GLY D 119 11.69 -9.57 -16.71
N ASP D 120 10.36 -9.55 -16.89
CA ASP D 120 9.41 -8.68 -16.13
C ASP D 120 8.38 -9.54 -15.38
N ASN D 121 8.75 -10.77 -15.02
CA ASN D 121 7.89 -11.72 -14.28
C ASN D 121 8.56 -12.06 -12.94
N LEU D 122 7.74 -12.14 -11.90
CA LEU D 122 8.11 -12.47 -10.50
C LEU D 122 7.26 -13.66 -10.06
N TYR D 123 7.88 -14.71 -9.52
CA TYR D 123 7.21 -15.91 -8.98
C TYR D 123 7.56 -16.05 -7.50
N TYR D 124 6.61 -16.51 -6.69
CA TYR D 124 6.79 -16.83 -5.25
C TYR D 124 5.82 -17.94 -4.84
N GLY D 125 6.32 -18.95 -4.13
CA GLY D 125 5.47 -19.94 -3.44
C GLY D 125 6.22 -21.15 -2.90
N HIS D 126 5.56 -21.90 -2.03
CA HIS D 126 6.07 -23.15 -1.41
C HIS D 126 5.99 -24.28 -2.45
N ASP D 127 7.10 -25.02 -2.59
CA ASP D 127 7.33 -26.13 -3.54
C ASP D 127 7.74 -25.60 -4.94
N PHE D 128 8.19 -24.35 -5.04
CA PHE D 128 8.59 -23.74 -6.35
C PHE D 128 9.88 -24.41 -6.85
N HIS D 129 10.78 -24.79 -5.95
CA HIS D 129 11.99 -25.59 -6.25
C HIS D 129 11.57 -26.92 -6.89
N GLU D 130 10.53 -27.55 -6.34
CA GLU D 130 10.07 -28.90 -6.77
C GLU D 130 9.30 -28.77 -8.09
N LEU D 131 8.47 -27.73 -8.23
CA LEU D 131 7.71 -27.47 -9.48
C LEU D 131 8.68 -27.32 -10.66
N LEU D 132 9.72 -26.49 -10.48
CA LEU D 132 10.78 -26.23 -11.49
C LEU D 132 11.59 -27.51 -11.74
N GLY D 133 12.06 -28.15 -10.66
CA GLY D 133 12.79 -29.43 -10.68
C GLY D 133 12.12 -30.45 -11.59
N SER D 134 10.82 -30.72 -11.37
CA SER D 134 10.01 -31.68 -12.15
C SER D 134 10.05 -31.34 -13.65
N ALA D 135 9.76 -30.09 -14.01
CA ALA D 135 9.78 -29.58 -15.40
C ALA D 135 11.17 -29.73 -16.01
N SER D 136 12.21 -29.31 -15.29
CA SER D 136 13.62 -29.27 -15.77
C SER D 136 14.18 -30.70 -15.95
N GLN D 137 13.53 -31.71 -15.35
CA GLN D 137 14.03 -33.10 -15.28
C GLN D 137 13.40 -33.96 -16.38
N ARG D 138 12.28 -33.54 -16.99
CA ARG D 138 11.81 -34.15 -18.25
C ARG D 138 12.91 -33.98 -19.30
N GLN D 139 13.23 -35.04 -20.06
CA GLN D 139 14.31 -35.03 -21.07
C GLN D 139 13.69 -34.99 -22.47
N THR D 140 12.37 -34.82 -22.59
CA THR D 140 11.63 -34.80 -23.89
C THR D 140 10.48 -33.79 -23.82
N GLY D 141 10.08 -33.26 -24.98
CA GLY D 141 8.96 -32.31 -25.14
C GLY D 141 9.21 -30.98 -24.44
N ALA D 142 8.12 -30.27 -24.13
CA ALA D 142 8.11 -28.92 -23.54
C ALA D 142 7.20 -28.90 -22.30
N SER D 143 7.57 -28.11 -21.30
CA SER D 143 6.77 -27.86 -20.07
C SER D 143 6.48 -26.36 -19.94
N VAL D 144 5.21 -26.01 -19.75
CA VAL D 144 4.73 -24.63 -19.42
C VAL D 144 3.80 -24.71 -18.21
N PHE D 145 3.46 -23.55 -17.65
CA PHE D 145 2.65 -23.39 -16.42
C PHE D 145 1.42 -22.53 -16.72
N ALA D 146 0.24 -23.01 -16.32
CA ALA D 146 -1.06 -22.31 -16.45
C ALA D 146 -1.45 -21.76 -15.09
N TYR D 147 -1.81 -20.47 -15.04
CA TYR D 147 -2.13 -19.74 -13.79
C TYR D 147 -3.44 -18.99 -13.99
N HIS D 148 -4.39 -19.15 -13.06
CA HIS D 148 -5.69 -18.45 -13.09
C HIS D 148 -5.44 -16.94 -12.87
N VAL D 149 -5.84 -16.11 -13.83
CA VAL D 149 -5.73 -14.62 -13.76
C VAL D 149 -7.11 -14.00 -14.04
N LEU D 150 -7.30 -12.76 -13.60
CA LEU D 150 -8.50 -11.93 -13.89
C LEU D 150 -8.48 -11.48 -15.35
N ASP D 151 -7.28 -11.38 -15.95
CA ASP D 151 -6.98 -10.62 -17.19
C ASP D 151 -6.37 -11.53 -18.26
N PRO D 152 -6.98 -12.71 -18.59
CA PRO D 152 -6.34 -13.69 -19.48
C PRO D 152 -5.99 -13.17 -20.89
N GLU D 153 -6.76 -12.21 -21.41
CA GLU D 153 -6.60 -11.61 -22.77
C GLU D 153 -5.18 -11.06 -22.95
N ARG D 154 -4.48 -10.74 -21.85
CA ARG D 154 -3.14 -10.10 -21.88
C ARG D 154 -2.03 -11.13 -22.15
N TYR D 155 -2.36 -12.43 -22.20
CA TYR D 155 -1.37 -13.53 -22.23
C TYR D 155 -1.76 -14.59 -23.26
N GLY D 156 -0.88 -15.59 -23.43
CA GLY D 156 -1.24 -16.91 -23.95
C GLY D 156 -2.26 -17.59 -23.04
N VAL D 157 -3.40 -17.99 -23.59
CA VAL D 157 -4.51 -18.66 -22.86
C VAL D 157 -4.52 -20.14 -23.25
N VAL D 158 -4.61 -21.01 -22.25
CA VAL D 158 -4.67 -22.49 -22.43
C VAL D 158 -6.08 -22.95 -22.07
N GLU D 159 -6.73 -23.66 -22.98
CA GLU D 159 -8.09 -24.24 -22.80
C GLU D 159 -7.94 -25.69 -22.33
N PHE D 160 -8.76 -26.11 -21.38
CA PHE D 160 -8.81 -27.48 -20.81
C PHE D 160 -10.17 -28.10 -21.14
N ASP D 161 -10.19 -29.43 -21.33
CA ASP D 161 -11.45 -30.22 -21.53
C ASP D 161 -11.95 -30.66 -20.15
N GLN D 162 -13.12 -31.32 -20.10
CA GLN D 162 -13.80 -31.75 -18.85
C GLN D 162 -12.84 -32.56 -17.97
N GLY D 163 -11.88 -33.27 -18.56
CA GLY D 163 -10.92 -34.14 -17.85
C GLY D 163 -9.62 -33.44 -17.54
N GLY D 164 -9.55 -32.11 -17.70
CA GLY D 164 -8.40 -31.29 -17.31
C GLY D 164 -7.23 -31.41 -18.28
N LYS D 165 -7.45 -31.92 -19.50
CA LYS D 165 -6.42 -32.04 -20.55
C LYS D 165 -6.39 -30.74 -21.37
N ALA D 166 -5.19 -30.22 -21.66
CA ALA D 166 -4.98 -29.00 -22.47
C ALA D 166 -5.31 -29.33 -23.93
N ILE D 167 -6.20 -28.57 -24.56
CA ILE D 167 -6.72 -28.89 -25.93
C ILE D 167 -6.45 -27.74 -26.91
N SER D 168 -6.00 -26.55 -26.48
CA SER D 168 -5.76 -25.38 -27.37
C SER D 168 -5.00 -24.27 -26.67
N LEU D 169 -4.21 -23.51 -27.43
CA LEU D 169 -3.48 -22.28 -27.02
C LEU D 169 -3.85 -21.15 -27.98
N GLU D 170 -4.11 -19.94 -27.47
CA GLU D 170 -4.45 -18.73 -28.28
C GLU D 170 -3.65 -17.54 -27.72
N GLU D 171 -2.93 -16.81 -28.58
CA GLU D 171 -2.10 -15.63 -28.19
C GLU D 171 -3.03 -14.42 -28.04
N LYS D 172 -3.17 -13.90 -26.82
CA LYS D 172 -3.96 -12.69 -26.48
C LYS D 172 -5.31 -12.74 -27.17
N PRO D 173 -6.18 -13.72 -26.84
CA PRO D 173 -7.47 -13.85 -27.51
C PRO D 173 -8.45 -12.74 -27.09
N LEU D 174 -9.31 -12.30 -28.01
CA LEU D 174 -10.36 -11.29 -27.75
C LEU D 174 -11.45 -11.92 -26.86
N GLU D 175 -11.76 -13.20 -27.10
CA GLU D 175 -12.69 -14.01 -26.28
C GLU D 175 -11.94 -15.20 -25.71
N PRO D 176 -11.29 -15.06 -24.53
CA PRO D 176 -10.51 -16.15 -23.93
C PRO D 176 -11.38 -17.39 -23.68
N LYS D 177 -10.85 -18.59 -23.95
CA LYS D 177 -11.54 -19.89 -23.74
C LYS D 177 -11.55 -20.25 -22.25
N SER D 178 -10.60 -19.70 -21.48
CA SER D 178 -10.47 -19.91 -20.01
C SER D 178 -9.81 -18.68 -19.37
N ASN D 179 -9.68 -18.70 -18.03
CA ASN D 179 -8.94 -17.68 -17.24
C ASN D 179 -7.50 -18.14 -16.99
N TYR D 180 -7.06 -19.24 -17.62
CA TYR D 180 -5.71 -19.83 -17.38
C TYR D 180 -4.73 -19.25 -18.41
N ALA D 181 -3.87 -18.36 -17.92
CA ALA D 181 -2.78 -17.70 -18.67
C ALA D 181 -1.53 -18.56 -18.58
N VAL D 182 -0.80 -18.70 -19.68
CA VAL D 182 0.54 -19.35 -19.72
C VAL D 182 1.54 -18.34 -19.16
N THR D 183 2.31 -18.72 -18.13
CA THR D 183 3.30 -17.84 -17.46
C THR D 183 4.52 -17.66 -18.37
N GLY D 184 5.38 -16.70 -18.04
CA GLY D 184 6.59 -16.37 -18.83
C GLY D 184 7.74 -17.32 -18.54
N LEU D 185 7.45 -18.62 -18.37
CA LEU D 185 8.42 -19.64 -17.91
C LEU D 185 8.20 -20.93 -18.72
N TYR D 186 9.23 -21.33 -19.49
CA TYR D 186 9.13 -22.33 -20.57
C TYR D 186 10.33 -23.28 -20.53
N PHE D 187 10.07 -24.59 -20.55
CA PHE D 187 11.10 -25.66 -20.57
C PHE D 187 10.99 -26.42 -21.90
N TYR D 188 12.09 -26.49 -22.65
CA TYR D 188 12.13 -27.04 -24.04
C TYR D 188 13.23 -28.09 -24.15
N ASP D 189 12.97 -29.10 -24.99
CA ASP D 189 13.95 -30.14 -25.40
C ASP D 189 14.72 -29.63 -26.63
N GLN D 190 15.46 -30.52 -27.29
CA GLN D 190 16.35 -30.20 -28.45
C GLN D 190 15.55 -29.75 -29.68
N GLN D 191 14.21 -29.95 -29.71
CA GLN D 191 13.37 -29.66 -30.90
C GLN D 191 13.16 -28.15 -31.12
N VAL D 192 13.29 -27.31 -30.09
CA VAL D 192 12.70 -25.93 -30.06
C VAL D 192 13.33 -25.05 -31.16
N VAL D 193 14.67 -25.08 -31.30
CA VAL D 193 15.44 -24.27 -32.29
C VAL D 193 14.86 -24.49 -33.70
N ASP D 194 14.66 -25.76 -34.10
CA ASP D 194 14.16 -26.13 -35.45
C ASP D 194 12.67 -25.75 -35.60
N ILE D 195 11.87 -25.86 -34.53
CA ILE D 195 10.43 -25.42 -34.53
C ILE D 195 10.40 -23.91 -34.76
N ALA D 196 11.25 -23.16 -34.04
CA ALA D 196 11.35 -21.68 -34.12
C ALA D 196 11.81 -21.27 -35.53
N ARG D 197 12.77 -22.00 -36.09
CA ARG D 197 13.33 -21.77 -37.46
C ARG D 197 12.22 -21.76 -38.51
N ASP D 198 11.18 -22.59 -38.35
CA ASP D 198 10.11 -22.81 -39.37
C ASP D 198 8.90 -21.90 -39.11
N LEU D 207 6.84 -13.58 -34.67
CA LEU D 207 7.28 -14.92 -34.18
C LEU D 207 6.82 -15.09 -32.72
N GLU D 208 5.69 -15.77 -32.52
CA GLU D 208 4.99 -15.91 -31.21
C GLU D 208 5.51 -17.16 -30.49
N ILE D 209 5.83 -17.06 -29.20
CA ILE D 209 6.18 -18.21 -28.33
C ILE D 209 5.00 -19.20 -28.32
N THR D 210 3.77 -18.69 -28.44
CA THR D 210 2.51 -19.48 -28.42
C THR D 210 2.49 -20.44 -29.61
N ASP D 211 3.03 -20.05 -30.77
CA ASP D 211 3.11 -20.92 -31.98
C ASP D 211 4.08 -22.07 -31.71
N VAL D 212 5.24 -21.78 -31.10
CA VAL D 212 6.26 -22.77 -30.65
C VAL D 212 5.56 -23.80 -29.75
N ASN D 213 4.85 -23.32 -28.73
CA ASN D 213 4.15 -24.16 -27.72
C ASN D 213 3.05 -24.98 -28.40
N ARG D 214 2.34 -24.38 -29.37
CA ARG D 214 1.24 -25.09 -30.09
C ARG D 214 1.85 -26.23 -30.94
N ALA D 215 3.04 -26.03 -31.51
CA ALA D 215 3.76 -27.05 -32.32
C ALA D 215 4.05 -28.28 -31.44
N TYR D 216 4.44 -28.08 -30.18
CA TYR D 216 4.64 -29.17 -29.19
C TYR D 216 3.29 -29.82 -28.87
N LEU D 217 2.27 -29.00 -28.60
CA LEU D 217 0.88 -29.46 -28.26
C LEU D 217 0.36 -30.35 -29.40
N GLU D 218 0.56 -29.93 -30.65
CA GLU D 218 0.07 -30.65 -31.85
C GLU D 218 0.80 -31.99 -31.98
N ARG D 219 2.01 -32.11 -31.44
CA ARG D 219 2.81 -33.38 -31.43
C ARG D 219 2.54 -34.19 -30.17
N GLY D 220 1.70 -33.70 -29.26
CA GLY D 220 1.39 -34.37 -27.98
C GLY D 220 2.59 -34.40 -27.06
N GLN D 221 3.46 -33.38 -27.15
CA GLN D 221 4.72 -33.31 -26.36
C GLN D 221 4.72 -32.01 -25.54
N LEU D 222 3.54 -31.46 -25.21
CA LEU D 222 3.42 -30.28 -24.31
C LEU D 222 2.85 -30.73 -22.97
N SER D 223 3.63 -30.58 -21.89
CA SER D 223 3.18 -30.73 -20.49
C SER D 223 2.77 -29.35 -19.96
N VAL D 224 1.49 -29.19 -19.64
CA VAL D 224 0.91 -27.97 -19.01
C VAL D 224 0.60 -28.28 -17.54
N GLU D 225 1.50 -27.88 -16.64
CA GLU D 225 1.32 -28.03 -15.17
C GLU D 225 0.53 -26.81 -14.66
N ILE D 226 -0.44 -27.05 -13.77
CA ILE D 226 -1.14 -25.94 -13.05
C ILE D 226 -0.17 -25.33 -12.04
N MET D 227 0.02 -24.01 -12.10
CA MET D 227 0.59 -23.21 -10.99
C MET D 227 -0.59 -22.77 -10.12
N GLY D 228 -0.75 -23.42 -8.96
CA GLY D 228 -1.90 -23.23 -8.06
C GLY D 228 -2.00 -21.79 -7.55
N ARG D 229 -3.20 -21.39 -7.16
CA ARG D 229 -3.52 -20.04 -6.61
C ARG D 229 -2.67 -19.74 -5.37
N GLY D 230 -2.07 -20.76 -4.74
CA GLY D 230 -1.18 -20.64 -3.58
C GLY D 230 0.18 -20.06 -3.94
N TYR D 231 0.54 -20.10 -5.22
CA TYR D 231 1.72 -19.38 -5.78
C TYR D 231 1.30 -17.96 -6.21
N ALA D 232 2.20 -16.99 -6.06
CA ALA D 232 2.03 -15.62 -6.58
C ALA D 232 2.87 -15.47 -7.86
N TRP D 233 2.21 -15.20 -8.99
CA TRP D 233 2.82 -14.79 -10.28
C TRP D 233 2.38 -13.37 -10.58
N LEU D 234 3.29 -12.39 -10.42
CA LEU D 234 2.98 -10.95 -10.53
C LEU D 234 3.61 -10.37 -11.80
N ASP D 235 2.86 -9.48 -12.46
CA ASP D 235 3.36 -8.59 -13.54
C ASP D 235 4.15 -7.45 -12.88
N THR D 236 5.31 -7.10 -13.43
CA THR D 236 6.13 -5.94 -12.98
C THR D 236 6.30 -4.99 -14.16
N GLY D 237 5.34 -4.98 -15.09
CA GLY D 237 5.48 -4.44 -16.45
C GLY D 237 4.89 -3.05 -16.60
N THR D 238 4.01 -2.63 -15.68
CA THR D 238 3.38 -1.29 -15.65
C THR D 238 3.79 -0.55 -14.38
N HIS D 239 3.49 0.75 -14.31
CA HIS D 239 3.77 1.61 -13.13
C HIS D 239 3.00 1.06 -11.91
N ASP D 240 1.75 0.66 -12.11
CA ASP D 240 0.85 0.15 -11.03
C ASP D 240 1.34 -1.21 -10.52
N SER D 241 1.64 -2.16 -11.41
CA SER D 241 2.02 -3.54 -11.03
C SER D 241 3.43 -3.56 -10.42
N LEU D 242 4.35 -2.73 -10.91
CA LEU D 242 5.73 -2.60 -10.33
C LEU D 242 5.62 -2.15 -8.87
N LEU D 243 4.67 -1.26 -8.60
CA LEU D 243 4.40 -0.72 -7.23
C LEU D 243 3.82 -1.83 -6.35
N GLU D 244 2.82 -2.55 -6.87
CA GLU D 244 2.14 -3.68 -6.17
C GLU D 244 3.17 -4.76 -5.84
N ALA D 245 3.98 -5.15 -6.83
CA ALA D 245 5.05 -6.17 -6.68
C ALA D 245 6.02 -5.73 -5.58
N GLY D 246 6.40 -4.45 -5.57
CA GLY D 246 7.29 -3.87 -4.55
C GLY D 246 6.74 -4.02 -3.15
N GLN D 247 5.46 -3.66 -2.96
CA GLN D 247 4.76 -3.73 -1.65
CA GLN D 247 4.76 -3.73 -1.64
C GLN D 247 4.64 -5.20 -1.22
N PHE D 248 4.44 -6.10 -2.19
CA PHE D 248 4.27 -7.57 -1.97
C PHE D 248 5.57 -8.17 -1.42
N ILE D 249 6.69 -7.89 -2.06
CA ILE D 249 8.04 -8.38 -1.65
C ILE D 249 8.41 -7.76 -0.29
N ALA D 250 8.17 -6.47 -0.09
CA ALA D 250 8.56 -5.76 1.16
C ALA D 250 7.84 -6.43 2.35
N THR D 251 6.55 -6.73 2.21
CA THR D 251 5.67 -7.34 3.25
C THR D 251 6.23 -8.73 3.65
N LEU D 252 6.53 -9.58 2.68
CA LEU D 252 7.11 -10.93 2.92
C LEU D 252 8.49 -10.78 3.60
N GLU D 253 9.36 -9.95 3.04
CA GLU D 253 10.78 -9.85 3.49
C GLU D 253 10.84 -9.27 4.90
N ASN D 254 10.09 -8.22 5.20
CA ASN D 254 10.10 -7.56 6.54
C ASN D 254 9.40 -8.46 7.57
N ARG D 255 8.52 -9.35 7.13
CA ARG D 255 7.83 -10.33 8.01
C ARG D 255 8.81 -11.46 8.37
N GLN D 256 9.49 -12.02 7.38
CA GLN D 256 10.28 -13.27 7.51
C GLN D 256 11.70 -12.98 8.03
N GLY D 257 12.25 -11.81 7.70
CA GLY D 257 13.69 -11.56 7.82
C GLY D 257 14.48 -12.39 6.82
N LEU D 258 13.82 -12.84 5.76
CA LEU D 258 14.47 -13.53 4.60
C LEU D 258 14.18 -12.73 3.34
N LYS D 259 15.06 -12.85 2.34
CA LYS D 259 14.91 -12.16 1.04
C LYS D 259 14.28 -13.12 0.03
N VAL D 260 13.51 -12.58 -0.91
CA VAL D 260 13.00 -13.33 -2.09
C VAL D 260 13.94 -13.03 -3.25
N ALA D 261 14.39 -14.09 -3.93
CA ALA D 261 15.14 -14.00 -5.20
C ALA D 261 16.44 -13.21 -5.00
N CYS D 262 17.19 -13.53 -3.95
CA CYS D 262 18.59 -13.07 -3.74
C CYS D 262 19.53 -14.10 -4.39
N PRO D 263 20.17 -13.78 -5.54
CA PRO D 263 20.99 -14.76 -6.26
C PRO D 263 22.16 -15.38 -5.48
N GLU D 264 22.78 -14.62 -4.59
CA GLU D 264 23.97 -15.06 -3.81
C GLU D 264 23.52 -16.15 -2.83
N GLU D 265 22.35 -15.98 -2.23
CA GLU D 265 21.72 -16.98 -1.33
C GLU D 265 21.48 -18.28 -2.11
N ILE D 266 20.82 -18.20 -3.26
CA ILE D 266 20.44 -19.41 -4.04
C ILE D 266 21.72 -20.15 -4.46
N ALA D 267 22.72 -19.41 -4.95
CA ALA D 267 24.05 -19.94 -5.33
C ALA D 267 24.64 -20.73 -4.15
N TYR D 268 24.63 -20.13 -2.96
CA TYR D 268 25.19 -20.71 -1.71
C TYR D 268 24.46 -22.00 -1.35
N ARG D 269 23.13 -22.00 -1.48
CA ARG D 269 22.26 -23.13 -1.05
C ARG D 269 22.35 -24.27 -2.07
N GLN D 270 22.64 -23.95 -3.35
CA GLN D 270 22.92 -24.95 -4.42
C GLN D 270 24.35 -25.48 -4.26
N LYS D 271 25.14 -24.86 -3.40
CA LYS D 271 26.58 -25.20 -3.15
C LYS D 271 27.39 -24.95 -4.42
N TRP D 272 27.02 -23.92 -5.20
CA TRP D 272 27.78 -23.42 -6.38
C TRP D 272 28.87 -22.45 -5.91
N ILE D 273 28.69 -21.85 -4.73
CA ILE D 273 29.72 -21.04 -4.04
C ILE D 273 29.81 -21.53 -2.59
N ASP D 274 31.00 -21.50 -2.00
CA ASP D 274 31.28 -21.93 -0.61
C ASP D 274 31.17 -20.71 0.31
N ALA D 275 31.27 -20.92 1.63
CA ALA D 275 31.14 -19.89 2.67
C ALA D 275 32.19 -18.78 2.47
N ALA D 276 33.40 -19.17 2.07
CA ALA D 276 34.55 -18.27 1.81
C ALA D 276 34.17 -17.26 0.72
N GLN D 277 33.56 -17.72 -0.37
CA GLN D 277 33.15 -16.90 -1.54
C GLN D 277 32.01 -15.95 -1.14
N LEU D 278 31.06 -16.42 -0.33
CA LEU D 278 29.91 -15.60 0.15
C LEU D 278 30.46 -14.46 1.02
N GLU D 279 31.39 -14.79 1.93
CA GLU D 279 32.11 -13.82 2.81
C GLU D 279 32.71 -12.69 1.95
N LYS D 280 33.45 -13.04 0.91
CA LYS D 280 34.10 -12.08 -0.03
C LYS D 280 33.03 -11.19 -0.67
N LEU D 281 31.96 -11.78 -1.20
CA LEU D 281 30.84 -11.06 -1.87
C LEU D 281 30.16 -10.13 -0.87
N ALA D 282 30.00 -10.55 0.39
CA ALA D 282 29.29 -9.79 1.44
C ALA D 282 30.08 -8.54 1.81
N ALA D 283 31.41 -8.66 1.94
CA ALA D 283 32.32 -7.51 2.20
C ALA D 283 32.10 -6.44 1.12
N GLY D 289 22.65 -3.46 4.51
CA GLY D 289 21.51 -4.36 4.75
C GLY D 289 21.60 -5.63 3.91
N TYR D 290 22.06 -5.51 2.66
CA TYR D 290 22.25 -6.64 1.70
C TYR D 290 23.52 -7.42 2.08
N GLY D 291 24.64 -6.72 2.30
CA GLY D 291 25.88 -7.30 2.86
C GLY D 291 25.63 -7.96 4.21
N GLN D 292 24.96 -7.27 5.13
CA GLN D 292 24.58 -7.80 6.47
C GLN D 292 23.77 -9.10 6.31
N TYR D 293 22.84 -9.13 5.35
CA TYR D 293 21.97 -10.31 5.08
C TYR D 293 22.82 -11.51 4.67
N LEU D 294 23.78 -11.31 3.77
CA LEU D 294 24.66 -12.39 3.25
C LEU D 294 25.50 -12.97 4.39
N LYS D 295 25.98 -12.11 5.30
CA LYS D 295 26.78 -12.52 6.50
C LYS D 295 25.91 -13.42 7.38
N ARG D 296 24.63 -13.04 7.58
CA ARG D 296 23.66 -13.78 8.42
C ARG D 296 23.46 -15.20 7.87
N LEU D 297 23.50 -15.37 6.54
CA LEU D 297 23.26 -16.67 5.84
C LEU D 297 24.32 -17.71 6.24
N LEU D 298 25.51 -17.28 6.65
CA LEU D 298 26.64 -18.19 7.00
C LEU D 298 26.44 -18.76 8.41
N THR D 299 25.72 -18.03 9.28
CA THR D 299 25.65 -18.27 10.75
C THR D 299 24.22 -18.55 11.19
N GLU D 300 23.39 -19.15 10.32
CA GLU D 300 21.97 -19.47 10.65
C GLU D 300 21.49 -20.67 9.82
N THR D 301 20.81 -21.61 10.48
CA THR D 301 20.04 -22.69 9.82
C THR D 301 18.67 -22.15 9.40
N VAL D 302 18.38 -22.19 8.10
CA VAL D 302 17.08 -21.79 7.49
C VAL D 302 16.54 -23.02 6.74
N TYR D 303 15.36 -23.49 7.12
CA TYR D 303 14.72 -24.70 6.58
C TYR D 303 13.94 -24.32 5.31
#